data_7FT0
#
_entry.id   7FT0
#
_cell.length_a   80.894
_cell.length_b   49.566
_cell.length_c   115.233
_cell.angle_alpha   90.000
_cell.angle_beta   94.949
_cell.angle_gamma   90.000
#
_symmetry.space_group_name_H-M   'P 1 21 1'
#
loop_
_entity.id
_entity.type
_entity.pdbx_description
1 polymer Syntenin-1
2 non-polymer 1,2-ETHANEDIOL
3 non-polymer 'SULFATE ION'
4 non-polymer 'D-GLUTAMIC ACID'
5 non-polymer 'methyl 4-[(trifluoroacetyl)amino]benzoate'
6 non-polymer GLYCINE
7 non-polymer 'TRIETHYLENE GLYCOL'
8 non-polymer ALANINE
9 water water
#
_entity_poly.entity_id   1
_entity_poly.type   'polypeptide(L)'
_entity_poly.pdbx_seq_one_letter_code
;SMAEIKQGIREVILCKDQDGKIGLRLKSIDNGIFVQLVQANSPASLVGLRFGDQVLQINGENCAGWSSDKAHKVLKQAFG
EKITMTIRDRPFERTITMHKDSTGHVGFIFKNGKITSIVKDSSAARNGLLTEHNICEINGQNVIGLKDSQIADILSTSGT
VVTITIMPAFIFEHIIKRMAPSIMKSLMDHTIPEV
;
_entity_poly.pdbx_strand_id   A,B,C,D
#
loop_
_chem_comp.id
_chem_comp.type
_chem_comp.name
_chem_comp.formula
EDO non-polymer 1,2-ETHANEDIOL 'C2 H6 O2'
PGE non-polymer 'TRIETHYLENE GLYCOL' 'C6 H14 O4'
RWP non-polymer 'methyl 4-[(trifluoroacetyl)amino]benzoate' 'C10 H8 F3 N O3'
SO4 non-polymer 'SULFATE ION' 'O4 S -2'
#
# COMPACT_ATOMS: atom_id res chain seq x y z
N ILE A 5 26.77 -7.60 -7.18
CA ILE A 5 25.54 -7.99 -6.42
C ILE A 5 25.70 -9.47 -6.01
N LYS A 6 25.67 -9.73 -4.69
CA LYS A 6 25.70 -11.07 -4.12
C LYS A 6 24.30 -11.69 -4.23
N GLN A 7 24.23 -12.97 -4.62
CA GLN A 7 22.96 -13.65 -4.84
C GLN A 7 22.58 -14.49 -3.62
N GLY A 8 21.45 -14.17 -2.99
CA GLY A 8 21.12 -14.71 -1.70
C GLY A 8 21.28 -13.68 -0.56
N ILE A 9 21.14 -14.24 0.65
CA ILE A 9 20.73 -13.57 1.85
C ILE A 9 21.90 -13.63 2.85
N ARG A 10 22.05 -12.60 3.69
CA ARG A 10 23.05 -12.63 4.76
C ARG A 10 22.42 -12.04 6.03
N GLU A 11 22.99 -12.44 7.17
CA GLU A 11 22.58 -11.91 8.46
C GLU A 11 23.58 -10.83 8.83
N VAL A 12 23.10 -9.66 9.30
CA VAL A 12 23.98 -8.67 9.90
C VAL A 12 23.53 -8.40 11.34
N ILE A 13 24.48 -7.96 12.16
CA ILE A 13 24.26 -7.69 13.58
C ILE A 13 24.67 -6.25 13.84
N LEU A 14 23.82 -5.55 14.60
CA LEU A 14 23.95 -4.12 14.80
C LEU A 14 23.89 -3.79 16.28
N CYS A 15 24.65 -2.75 16.62
CA CYS A 15 24.52 -2.07 17.90
C CYS A 15 24.17 -0.61 17.64
N LYS A 16 23.13 -0.09 18.31
CA LYS A 16 22.84 1.34 18.31
C LYS A 16 23.99 2.10 18.94
N ASP A 17 24.28 3.31 18.43
CA ASP A 17 25.38 4.13 18.93
C ASP A 17 24.95 4.76 20.26
N GLN A 18 25.81 5.61 20.84
CA GLN A 18 25.53 6.12 22.19
C GLN A 18 24.25 6.94 22.19
N ASP A 19 23.87 7.46 21.00
CA ASP A 19 22.66 8.26 20.84
C ASP A 19 21.40 7.42 20.58
N GLY A 20 21.54 6.09 20.49
CA GLY A 20 20.43 5.21 20.20
C GLY A 20 20.02 5.20 18.72
N LYS A 21 20.97 5.54 17.84
CA LYS A 21 20.75 5.59 16.40
C LYS A 21 21.45 4.44 15.71
N ILE A 22 20.88 3.96 14.60
CA ILE A 22 21.56 2.97 13.78
C ILE A 22 22.00 3.59 12.46
N GLY A 23 21.34 4.68 12.03
CA GLY A 23 21.71 5.40 10.82
C GLY A 23 21.04 4.86 9.54
N LEU A 24 19.73 4.55 9.62
CA LEU A 24 18.95 4.04 8.50
C LEU A 24 17.66 4.82 8.27
N ARG A 25 17.27 4.91 6.99
CA ARG A 25 15.88 5.11 6.61
C ARG A 25 15.46 3.97 5.67
N LEU A 26 14.22 3.51 5.94
CA LEU A 26 13.63 2.38 5.25
C LEU A 26 12.39 2.85 4.51
N LYS A 27 12.08 2.16 3.41
CA LYS A 27 10.98 2.51 2.52
C LYS A 27 10.24 1.23 2.11
N SER A 28 8.91 1.25 2.25
CA SER A 28 8.06 0.18 1.74
C SER A 28 8.02 0.24 0.21
N ILE A 29 8.30 -0.89 -0.44
CA ILE A 29 8.21 -1.06 -1.88
C ILE A 29 7.66 -2.46 -2.18
N ASP A 30 6.53 -2.55 -2.89
CA ASP A 30 6.01 -3.84 -3.37
C ASP A 30 5.93 -4.86 -2.23
N ASN A 31 5.42 -4.39 -1.08
CA ASN A 31 5.19 -5.18 0.13
C ASN A 31 6.48 -5.73 0.71
N GLY A 32 7.62 -5.11 0.32
CA GLY A 32 8.89 -5.35 0.96
C GLY A 32 9.38 -4.07 1.64
N ILE A 33 10.53 -4.18 2.32
CA ILE A 33 11.18 -3.05 2.94
C ILE A 33 12.61 -2.93 2.40
N PHE A 34 12.97 -1.70 1.99
CA PHE A 34 14.28 -1.44 1.41
C PHE A 34 14.95 -0.23 2.09
N VAL A 35 16.27 -0.15 1.91
CA VAL A 35 17.11 0.89 2.49
C VAL A 35 17.08 2.08 1.53
N GLN A 36 16.56 3.22 2.04
CA GLN A 36 16.45 4.47 1.30
C GLN A 36 17.67 5.35 1.60
N LEU A 37 18.19 5.25 2.83
CA LEU A 37 19.36 6.03 3.25
C LEU A 37 20.18 5.26 4.29
N VAL A 38 21.50 5.22 4.04
CA VAL A 38 22.48 4.85 5.05
C VAL A 38 23.31 6.09 5.38
N GLN A 39 23.39 6.41 6.67
CA GLN A 39 24.14 7.57 7.16
C GLN A 39 25.62 7.23 7.27
N ALA A 40 26.50 8.21 6.98
CA ALA A 40 27.93 8.02 7.17
C ALA A 40 28.25 7.84 8.66
N ASN A 41 29.28 7.04 8.96
CA ASN A 41 29.83 6.90 10.31
C ASN A 41 28.73 6.46 11.26
N SER A 42 27.97 5.43 10.83
CA SER A 42 26.83 4.94 11.58
C SER A 42 26.97 3.43 11.73
N PRO A 43 26.35 2.81 12.74
CA PRO A 43 26.37 1.35 12.87
C PRO A 43 26.00 0.68 11.53
N ALA A 44 25.00 1.24 10.85
CA ALA A 44 24.49 0.67 9.61
C ALA A 44 25.57 0.67 8.52
N SER A 45 26.26 1.79 8.31
CA SER A 45 27.34 1.85 7.33
C SER A 45 28.49 0.91 7.75
N LEU A 46 28.85 0.95 9.04
CA LEU A 46 29.94 0.15 9.58
C LEU A 46 29.74 -1.33 9.25
N VAL A 47 28.49 -1.82 9.28
CA VAL A 47 28.25 -3.24 9.06
C VAL A 47 27.94 -3.53 7.59
N GLY A 48 27.99 -2.50 6.73
CA GLY A 48 28.02 -2.72 5.29
C GLY A 48 26.64 -2.73 4.63
N LEU A 49 25.62 -2.16 5.32
CA LEU A 49 24.32 -1.92 4.73
C LEU A 49 24.45 -0.86 3.65
N ARG A 50 23.66 -1.04 2.58
CA ARG A 50 23.75 -0.22 1.38
C ARG A 50 22.36 0.18 0.91
N PHE A 51 22.28 1.37 0.33
CA PHE A 51 21.14 1.79 -0.46
C PHE A 51 20.66 0.66 -1.37
N GLY A 52 19.34 0.37 -1.32
CA GLY A 52 18.73 -0.58 -2.22
C GLY A 52 18.61 -1.98 -1.65
N ASP A 53 19.34 -2.27 -0.55
CA ASP A 53 19.26 -3.54 0.15
C ASP A 53 17.82 -3.75 0.66
N GLN A 54 17.38 -5.01 0.65
CA GLN A 54 16.09 -5.41 1.18
C GLN A 54 16.29 -6.01 2.57
N VAL A 55 15.44 -5.61 3.52
CA VAL A 55 15.40 -6.16 4.87
C VAL A 55 14.25 -7.16 4.95
N LEU A 56 14.60 -8.45 5.06
CA LEU A 56 13.63 -9.54 5.09
C LEU A 56 13.07 -9.69 6.50
N GLN A 57 13.97 -9.58 7.49
CA GLN A 57 13.62 -9.69 8.89
C GLN A 57 14.44 -8.73 9.74
N ILE A 58 13.81 -8.34 10.85
CA ILE A 58 14.43 -7.60 11.94
C ILE A 58 14.12 -8.37 13.21
N ASN A 59 15.17 -8.84 13.89
CA ASN A 59 15.04 -9.66 15.10
C ASN A 59 14.09 -10.82 14.82
N GLY A 60 14.23 -11.43 13.62
CA GLY A 60 13.51 -12.63 13.24
C GLY A 60 12.05 -12.43 12.85
N GLU A 61 11.55 -11.17 12.86
CA GLU A 61 10.19 -10.92 12.41
C GLU A 61 10.22 -10.52 10.92
N ASN A 62 9.34 -11.12 10.12
CA ASN A 62 9.29 -10.83 8.70
C ASN A 62 8.80 -9.40 8.53
N CYS A 63 9.42 -8.68 7.58
CA CYS A 63 9.05 -7.29 7.30
C CYS A 63 7.95 -7.18 6.24
N ALA A 64 7.59 -8.31 5.62
CA ALA A 64 6.60 -8.35 4.56
C ALA A 64 5.36 -7.55 4.95
N GLY A 65 5.00 -6.60 4.09
CA GLY A 65 3.77 -5.86 4.24
C GLY A 65 3.90 -4.62 5.16
N TRP A 66 5.03 -4.47 5.87
CA TRP A 66 5.17 -3.35 6.79
C TRP A 66 5.25 -2.02 6.04
N SER A 67 4.59 -1.01 6.63
CA SER A 67 4.79 0.38 6.24
C SER A 67 6.19 0.83 6.67
N SER A 68 6.70 1.87 6.00
CA SER A 68 7.89 2.58 6.45
C SER A 68 7.80 2.91 7.95
N ASP A 69 6.68 3.56 8.34
CA ASP A 69 6.46 3.98 9.73
C ASP A 69 6.63 2.82 10.71
N LYS A 70 6.08 1.65 10.35
CA LYS A 70 6.19 0.49 11.22
C LYS A 70 7.63 -0.01 11.33
N ALA A 71 8.36 -0.06 10.20
CA ALA A 71 9.73 -0.53 10.20
C ALA A 71 10.56 0.32 11.17
N HIS A 72 10.41 1.65 11.06
CA HIS A 72 11.09 2.63 11.90
C HIS A 72 10.67 2.49 13.37
N LYS A 73 9.38 2.27 13.60
CA LYS A 73 8.88 2.11 14.95
C LYS A 73 9.50 0.87 15.58
N VAL A 74 9.61 -0.22 14.81
CA VAL A 74 10.16 -1.47 15.32
C VAL A 74 11.62 -1.26 15.71
N LEU A 75 12.35 -0.52 14.86
CA LEU A 75 13.76 -0.26 15.11
C LEU A 75 13.93 0.62 16.35
N LYS A 76 13.11 1.66 16.47
CA LYS A 76 13.17 2.54 17.64
C LYS A 76 12.93 1.72 18.92
N GLN A 77 12.04 0.73 18.89
CA GLN A 77 11.61 0.02 20.09
C GLN A 77 12.47 -1.20 20.41
N ALA A 78 13.45 -1.53 19.57
CA ALA A 78 14.32 -2.67 19.79
C ALA A 78 15.39 -2.34 20.85
N PHE A 79 15.60 -3.27 21.80
CA PHE A 79 16.79 -3.26 22.66
C PHE A 79 18.06 -3.11 21.83
N GLY A 80 18.93 -2.16 22.20
CA GLY A 80 19.96 -1.66 21.29
C GLY A 80 21.22 -2.53 21.25
N GLU A 81 21.35 -3.44 22.23
CA GLU A 81 22.54 -4.24 22.38
C GLU A 81 22.83 -5.03 21.09
N LYS A 82 21.85 -5.83 20.67
CA LYS A 82 21.98 -6.63 19.47
C LYS A 82 20.68 -6.53 18.68
N ILE A 83 20.82 -6.14 17.41
CA ILE A 83 19.74 -6.16 16.44
C ILE A 83 20.21 -7.05 15.31
N THR A 84 19.48 -8.15 15.03
CA THR A 84 19.80 -8.96 13.87
C THR A 84 18.89 -8.55 12.72
N MET A 85 19.48 -8.41 11.54
CA MET A 85 18.73 -8.17 10.32
C MET A 85 19.12 -9.22 9.29
N THR A 86 18.12 -9.69 8.55
CA THR A 86 18.35 -10.57 7.43
C THR A 86 18.18 -9.73 6.17
N ILE A 87 19.21 -9.75 5.30
CA ILE A 87 19.36 -8.80 4.21
C ILE A 87 19.46 -9.56 2.90
N ARG A 88 18.75 -9.10 1.87
CA ARG A 88 19.04 -9.54 0.51
C ARG A 88 19.71 -8.38 -0.22
N ASP A 89 20.83 -8.67 -0.86
CA ASP A 89 21.71 -7.68 -1.46
C ASP A 89 21.08 -7.00 -2.69
N ARG A 90 20.92 -5.67 -2.58
CA ARG A 90 20.51 -4.76 -3.64
C ARG A 90 19.76 -5.45 -4.79
N PRO A 91 18.57 -5.99 -4.49
CA PRO A 91 17.86 -6.85 -5.42
C PRO A 91 17.36 -6.14 -6.69
N PHE A 92 17.17 -4.80 -6.61
CA PHE A 92 16.68 -4.04 -7.76
C PHE A 92 17.83 -3.57 -8.65
N GLU A 93 19.08 -3.90 -8.29
CA GLU A 93 20.24 -3.32 -8.95
C GLU A 93 21.02 -4.38 -9.71
N ARG A 94 21.83 -3.92 -10.67
CA ARG A 94 22.80 -4.78 -11.36
C ARG A 94 24.13 -4.03 -11.50
N THR A 95 25.23 -4.78 -11.64
CA THR A 95 26.54 -4.16 -11.85
C THR A 95 27.10 -4.52 -13.22
N ILE A 96 27.66 -3.51 -13.91
CA ILE A 96 28.21 -3.63 -15.25
C ILE A 96 29.68 -3.25 -15.16
N THR A 97 30.55 -3.98 -15.89
CA THR A 97 31.97 -3.68 -15.93
C THR A 97 32.35 -3.18 -17.32
N MET A 98 33.09 -2.06 -17.35
CA MET A 98 33.50 -1.41 -18.58
C MET A 98 35.00 -1.10 -18.52
N HIS A 99 35.61 -0.94 -19.70
CA HIS A 99 37.01 -0.56 -19.82
C HIS A 99 37.10 0.77 -20.56
N LYS A 100 37.79 1.75 -19.95
CA LYS A 100 38.00 3.04 -20.59
C LYS A 100 38.82 2.88 -21.86
N ASP A 101 38.49 3.67 -22.89
CA ASP A 101 39.23 3.67 -24.13
C ASP A 101 40.50 4.51 -23.95
N SER A 102 41.18 4.82 -25.07
CA SER A 102 42.44 5.56 -25.04
C SER A 102 42.24 7.00 -24.56
N THR A 103 41.01 7.54 -24.77
CA THR A 103 40.67 8.91 -24.38
C THR A 103 40.15 8.97 -22.94
N GLY A 104 40.00 7.81 -22.27
CA GLY A 104 39.54 7.74 -20.89
C GLY A 104 38.02 7.73 -20.76
N HIS A 105 37.32 7.30 -21.82
CA HIS A 105 35.87 7.24 -21.86
C HIS A 105 35.36 5.80 -21.88
N VAL A 106 34.20 5.61 -21.20
CA VAL A 106 33.52 4.34 -21.15
C VAL A 106 32.34 4.33 -22.13
N GLY A 107 31.67 5.47 -22.32
CA GLY A 107 30.82 5.70 -23.49
C GLY A 107 29.34 5.88 -23.15
N PHE A 108 29.04 6.86 -22.28
CA PHE A 108 27.66 7.21 -22.02
C PHE A 108 27.51 8.66 -21.55
N ILE A 109 26.26 9.14 -21.56
CA ILE A 109 25.89 10.48 -21.12
C ILE A 109 24.88 10.32 -19.99
N PHE A 110 24.99 11.16 -18.96
CA PHE A 110 24.02 11.11 -17.88
C PHE A 110 23.63 12.51 -17.45
N LYS A 111 22.57 12.60 -16.63
CA LYS A 111 22.02 13.86 -16.18
C LYS A 111 21.15 13.58 -14.96
N ASN A 112 21.48 14.24 -13.82
CA ASN A 112 20.91 13.94 -12.51
C ASN A 112 21.21 12.49 -12.13
N GLY A 113 22.40 12.01 -12.51
CA GLY A 113 22.82 10.66 -12.18
C GLY A 113 22.05 9.58 -12.95
N LYS A 114 21.29 9.97 -13.99
CA LYS A 114 20.53 9.03 -14.78
C LYS A 114 21.09 8.95 -16.19
N ILE A 115 21.30 7.72 -16.66
CA ILE A 115 21.95 7.50 -17.95
C ILE A 115 20.94 7.83 -19.06
N THR A 116 21.35 8.60 -20.06
CA THR A 116 20.43 9.15 -21.05
C THR A 116 20.83 8.77 -22.48
N SER A 117 22.09 8.42 -22.72
CA SER A 117 22.45 7.95 -24.04
C SER A 117 23.68 7.06 -23.95
N ILE A 118 23.78 6.09 -24.87
CA ILE A 118 24.94 5.22 -24.95
C ILE A 118 25.70 5.55 -26.23
N VAL A 119 27.02 5.64 -26.12
CA VAL A 119 27.84 6.06 -27.23
C VAL A 119 28.12 4.84 -28.11
N LYS A 120 27.91 5.04 -29.42
CA LYS A 120 28.18 4.06 -30.45
C LYS A 120 29.61 3.52 -30.31
N ASP A 121 29.77 2.20 -30.45
CA ASP A 121 31.06 1.51 -30.48
C ASP A 121 31.85 1.70 -29.18
N SER A 122 31.18 1.99 -28.05
CA SER A 122 31.88 2.16 -26.78
C SER A 122 31.85 0.85 -25.96
N SER A 123 32.65 0.82 -24.90
CA SER A 123 32.61 -0.25 -23.91
C SER A 123 31.22 -0.38 -23.28
N ALA A 124 30.55 0.76 -23.04
CA ALA A 124 29.20 0.76 -22.48
C ALA A 124 28.23 0.11 -23.46
N ALA A 125 28.45 0.32 -24.77
CA ALA A 125 27.66 -0.33 -25.82
C ALA A 125 27.92 -1.84 -25.81
N ARG A 126 29.20 -2.25 -25.83
CA ARG A 126 29.57 -3.66 -25.88
C ARG A 126 29.04 -4.41 -24.67
N ASN A 127 28.90 -3.74 -23.53
CA ASN A 127 28.51 -4.35 -22.26
C ASN A 127 27.00 -4.20 -21.99
N GLY A 128 26.30 -3.51 -22.91
CA GLY A 128 24.85 -3.44 -22.89
C GLY A 128 24.31 -2.60 -21.71
N LEU A 129 24.97 -1.47 -21.48
CA LEU A 129 24.49 -0.51 -20.51
C LEU A 129 23.21 0.11 -21.06
N LEU A 130 22.30 0.46 -20.16
CA LEU A 130 20.94 0.85 -20.51
C LEU A 130 20.70 2.29 -20.10
N THR A 131 19.85 2.97 -20.87
CA THR A 131 19.40 4.31 -20.52
C THR A 131 18.24 4.19 -19.52
N GLU A 132 17.73 5.32 -19.06
CA GLU A 132 16.67 5.36 -18.08
C GLU A 132 17.02 4.52 -16.85
N HIS A 133 18.31 4.52 -16.49
CA HIS A 133 18.80 3.89 -15.28
C HIS A 133 19.63 4.87 -14.46
N ASN A 134 19.37 4.88 -13.14
CA ASN A 134 20.09 5.74 -12.22
C ASN A 134 21.38 5.06 -11.74
N ILE A 135 22.45 5.84 -11.63
CA ILE A 135 23.72 5.38 -11.10
C ILE A 135 23.66 5.41 -9.57
N CYS A 136 23.90 4.24 -8.99
CA CYS A 136 23.84 4.02 -7.56
C CYS A 136 25.24 3.97 -6.94
N GLU A 137 26.16 3.27 -7.60
CA GLU A 137 27.51 3.13 -7.12
C GLU A 137 28.48 3.15 -8.30
N ILE A 138 29.73 3.55 -8.00
CA ILE A 138 30.84 3.40 -8.93
C ILE A 138 32.01 2.76 -8.19
N ASN A 139 32.46 1.62 -8.71
CA ASN A 139 33.50 0.81 -8.09
C ASN A 139 33.19 0.63 -6.61
N GLY A 140 31.92 0.37 -6.28
CA GLY A 140 31.51 0.06 -4.92
C GLY A 140 31.24 1.28 -4.06
N GLN A 141 31.47 2.49 -4.61
CA GLN A 141 31.21 3.71 -3.87
C GLN A 141 29.82 4.24 -4.19
N ASN A 142 29.01 4.42 -3.14
CA ASN A 142 27.71 5.06 -3.28
C ASN A 142 27.91 6.47 -3.81
N VAL A 143 27.17 6.85 -4.85
CA VAL A 143 27.30 8.18 -5.45
C VAL A 143 25.94 8.86 -5.55
N ILE A 144 24.99 8.44 -4.70
CA ILE A 144 23.64 8.94 -4.79
C ILE A 144 23.54 10.27 -4.05
N GLY A 145 23.21 11.33 -4.80
CA GLY A 145 23.05 12.66 -4.26
C GLY A 145 24.20 13.60 -4.63
N LEU A 146 25.28 13.05 -5.18
CA LEU A 146 26.42 13.83 -5.66
C LEU A 146 26.04 14.57 -6.93
N LYS A 147 26.70 15.72 -7.18
CA LYS A 147 26.46 16.46 -8.42
C LYS A 147 27.06 15.67 -9.56
N ASP A 148 26.55 15.91 -10.78
CA ASP A 148 27.03 15.21 -11.95
C ASP A 148 28.53 15.43 -12.12
N SER A 149 29.01 16.62 -11.71
CA SER A 149 30.43 16.96 -11.80
C SER A 149 31.26 16.06 -10.89
N GLN A 150 30.75 15.74 -9.68
CA GLN A 150 31.49 14.90 -8.74
C GLN A 150 31.52 13.46 -9.26
N ILE A 151 30.43 13.04 -9.92
CA ILE A 151 30.32 11.71 -10.50
C ILE A 151 31.31 11.60 -11.65
N ALA A 152 31.37 12.62 -12.52
CA ALA A 152 32.31 12.60 -13.64
C ALA A 152 33.75 12.53 -13.13
N ASP A 153 34.04 13.25 -12.03
CA ASP A 153 35.38 13.32 -11.45
C ASP A 153 35.80 11.94 -10.96
N ILE A 154 34.87 11.21 -10.32
CA ILE A 154 35.12 9.86 -9.81
C ILE A 154 35.39 8.90 -10.97
N LEU A 155 34.66 9.06 -12.08
CA LEU A 155 34.92 8.27 -13.28
C LEU A 155 36.34 8.50 -13.80
N SER A 156 36.80 9.76 -13.85
CA SER A 156 38.17 10.05 -14.32
C SER A 156 39.22 9.44 -13.39
N THR A 157 39.02 9.53 -12.07
CA THR A 157 40.03 9.09 -11.11
C THR A 157 39.98 7.58 -10.91
N SER A 158 39.13 6.87 -11.66
CA SER A 158 39.11 5.43 -11.60
C SER A 158 40.16 4.86 -12.55
N GLY A 159 40.58 3.61 -12.28
CA GLY A 159 41.45 2.87 -13.18
C GLY A 159 40.77 2.65 -14.53
N THR A 160 41.33 1.73 -15.34
CA THR A 160 40.81 1.52 -16.67
C THR A 160 39.49 0.72 -16.54
N VAL A 161 39.43 -0.15 -15.54
CA VAL A 161 38.26 -0.97 -15.25
C VAL A 161 37.31 -0.18 -14.34
N VAL A 162 36.10 0.10 -14.85
CA VAL A 162 35.06 0.84 -14.14
C VAL A 162 33.83 -0.05 -14.00
N THR A 163 33.46 -0.38 -12.75
CA THR A 163 32.19 -1.06 -12.51
C THR A 163 31.14 -0.07 -12.01
N ILE A 164 29.95 -0.12 -12.61
CA ILE A 164 28.83 0.75 -12.25
C ILE A 164 27.68 -0.13 -11.75
N THR A 165 27.09 0.26 -10.62
CA THR A 165 25.86 -0.33 -10.16
C THR A 165 24.70 0.58 -10.53
N ILE A 166 23.73 0.04 -11.28
CA ILE A 166 22.60 0.81 -11.80
C ILE A 166 21.27 0.24 -11.27
N MET A 167 20.23 1.05 -11.40
CA MET A 167 18.86 0.73 -10.97
C MET A 167 17.90 1.35 -11.98
N PRO A 168 16.85 0.65 -12.46
CA PRO A 168 15.82 1.28 -13.30
C PRO A 168 15.21 2.51 -12.63
N ALA A 169 15.13 3.58 -13.43
CA ALA A 169 14.76 4.92 -12.99
C ALA A 169 13.47 4.88 -12.19
N PHE A 170 12.44 4.20 -12.68
N PHE A 170 12.44 4.20 -12.69
CA PHE A 170 11.11 4.22 -12.06
CA PHE A 170 11.12 4.22 -12.08
C PHE A 170 11.19 3.67 -10.64
C PHE A 170 11.18 3.66 -10.64
N ILE A 171 12.08 2.69 -10.42
CA ILE A 171 12.22 2.09 -9.11
C ILE A 171 12.99 3.06 -8.21
N PHE A 172 14.07 3.63 -8.77
CA PHE A 172 14.88 4.61 -8.07
C PHE A 172 13.99 5.76 -7.56
N GLU A 173 13.23 6.33 -8.49
CA GLU A 173 12.33 7.44 -8.20
C GLU A 173 11.37 7.06 -7.08
N HIS A 174 10.96 5.79 -7.03
CA HIS A 174 10.05 5.33 -6.00
C HIS A 174 10.78 5.20 -4.66
N ILE A 175 12.05 4.79 -4.66
CA ILE A 175 12.76 4.57 -3.39
C ILE A 175 13.03 5.90 -2.70
N ILE A 176 13.36 6.94 -3.46
CA ILE A 176 13.89 8.16 -2.89
C ILE A 176 12.78 9.14 -2.51
N LYS A 177 11.52 8.79 -2.81
CA LYS A 177 10.36 9.59 -2.43
C LYS A 177 10.34 9.91 -0.93
N ARG A 178 9.80 11.12 -0.67
CA ARG A 178 9.59 11.67 0.67
C ARG A 178 10.94 12.03 1.30
N MET A 179 11.85 12.57 0.46
CA MET A 179 13.18 12.94 0.89
C MET A 179 13.76 14.01 -0.03
N ALA A 180 14.13 15.14 0.58
CA ALA A 180 14.67 16.31 -0.10
C ALA A 180 16.05 15.98 -0.68
N PRO A 181 16.35 16.28 -1.97
CA PRO A 181 17.70 16.11 -2.51
C PRO A 181 18.88 16.67 -1.69
N SER A 182 18.65 17.66 -0.82
CA SER A 182 19.72 18.21 0.01
C SER A 182 20.07 17.27 1.16
N ILE A 183 19.10 16.46 1.61
CA ILE A 183 19.32 15.47 2.64
C ILE A 183 20.10 14.29 2.04
N MET A 184 19.71 13.91 0.82
CA MET A 184 20.31 12.78 0.12
C MET A 184 21.78 13.10 -0.20
N LYS A 185 22.04 14.32 -0.68
CA LYS A 185 23.39 14.74 -1.01
C LYS A 185 24.26 14.84 0.25
N SER A 186 23.69 15.30 1.37
CA SER A 186 24.49 15.64 2.54
C SER A 186 24.67 14.44 3.47
N LEU A 187 23.69 13.54 3.55
CA LEU A 187 23.62 12.57 4.65
C LEU A 187 23.89 11.14 4.17
N MET A 188 23.66 10.85 2.88
CA MET A 188 23.93 9.53 2.32
C MET A 188 25.44 9.23 2.42
N ASP A 189 25.74 8.04 2.96
CA ASP A 189 27.12 7.56 3.06
C ASP A 189 27.71 7.43 1.65
N HIS A 190 28.87 8.07 1.44
CA HIS A 190 29.60 7.99 0.19
C HIS A 190 31.05 7.56 0.44
N THR A 191 31.37 7.21 1.69
CA THR A 191 32.73 6.81 2.02
C THR A 191 33.01 5.49 1.31
N ILE A 192 34.29 5.23 1.11
CA ILE A 192 34.77 3.89 0.82
C ILE A 192 34.69 3.11 2.13
N PRO A 193 34.21 1.85 2.13
CA PRO A 193 34.09 1.08 3.38
C PRO A 193 35.43 0.80 4.05
N GLU A 194 35.37 0.65 5.38
CA GLU A 194 36.51 0.46 6.26
C GLU A 194 36.73 -1.02 6.58
N VAL A 195 38.00 -1.46 6.60
CA VAL A 195 38.39 -2.81 6.98
C VAL A 195 39.20 -2.78 8.30
N ALA B 3 -1.65 20.20 31.01
CA ALA B 3 -2.20 21.57 31.19
C ALA B 3 -1.13 22.49 31.80
N GLU B 4 -0.65 22.14 33.00
CA GLU B 4 0.00 23.06 33.93
C GLU B 4 1.48 23.22 33.57
N ILE B 5 1.94 24.48 33.47
CA ILE B 5 3.20 24.84 32.81
C ILE B 5 4.37 24.29 33.63
N LYS B 6 5.21 23.44 33.00
CA LYS B 6 6.41 22.86 33.61
C LYS B 6 7.53 23.91 33.55
N GLN B 7 8.25 24.09 34.67
CA GLN B 7 9.30 25.09 34.75
C GLN B 7 10.65 24.37 34.62
N GLY B 8 11.45 24.85 33.67
CA GLY B 8 12.60 24.10 33.18
C GLY B 8 12.39 23.53 31.79
N ILE B 9 13.41 22.76 31.42
CA ILE B 9 13.72 22.33 30.08
C ILE B 9 13.57 20.81 30.01
N ARG B 10 13.10 20.31 28.86
CA ARG B 10 13.11 18.88 28.63
C ARG B 10 13.58 18.59 27.21
N GLU B 11 14.10 17.38 27.02
CA GLU B 11 14.57 16.92 25.71
C GLU B 11 13.43 16.07 25.11
N VAL B 12 13.08 16.31 23.84
CA VAL B 12 12.15 15.46 23.13
C VAL B 12 12.83 14.92 21.88
N ILE B 13 12.36 13.75 21.43
CA ILE B 13 13.00 13.01 20.35
C ILE B 13 11.94 12.74 19.28
N LEU B 14 12.31 12.97 18.03
CA LEU B 14 11.38 12.96 16.91
C LEU B 14 11.90 12.10 15.79
N CYS B 15 10.97 11.48 15.06
CA CYS B 15 11.23 10.78 13.82
C CYS B 15 10.39 11.42 12.74
N LYS B 16 10.97 11.76 11.57
CA LYS B 16 10.14 12.17 10.44
C LYS B 16 9.29 11.02 9.94
N ASP B 17 8.07 11.32 9.49
CA ASP B 17 7.16 10.29 9.00
C ASP B 17 7.59 9.90 7.57
N GLN B 18 6.84 9.01 6.93
CA GLN B 18 7.26 8.47 5.64
C GLN B 18 7.31 9.59 4.61
N ASP B 19 6.59 10.69 4.86
CA ASP B 19 6.59 11.85 3.97
C ASP B 19 7.73 12.84 4.24
N GLY B 20 8.57 12.57 5.26
CA GLY B 20 9.65 13.45 5.63
C GLY B 20 9.17 14.68 6.43
N LYS B 21 8.00 14.56 7.08
CA LYS B 21 7.42 15.65 7.84
C LYS B 21 7.51 15.36 9.35
N ILE B 22 7.58 16.44 10.12
CA ILE B 22 7.55 16.38 11.57
C ILE B 22 6.18 16.85 12.07
N GLY B 23 5.59 17.78 11.31
CA GLY B 23 4.31 18.38 11.64
C GLY B 23 4.42 19.60 12.54
N LEU B 24 5.35 20.49 12.23
CA LEU B 24 5.63 21.72 12.98
C LEU B 24 5.73 22.94 12.06
N ARG B 25 5.31 24.08 12.60
CA ARG B 25 5.78 25.38 12.11
C ARG B 25 6.35 26.19 13.26
N LEU B 26 7.47 26.86 12.96
CA LEU B 26 8.29 27.57 13.92
C LEU B 26 8.33 29.05 13.58
N LYS B 27 8.45 29.90 14.60
CA LYS B 27 8.42 31.34 14.44
C LYS B 27 9.48 31.98 15.34
N SER B 28 10.27 32.89 14.76
CA SER B 28 11.19 33.75 15.50
C SER B 28 10.40 34.77 16.33
N ILE B 29 10.69 34.82 17.63
CA ILE B 29 10.12 35.80 18.54
C ILE B 29 11.20 36.22 19.54
N ASP B 30 11.51 37.55 19.56
CA ASP B 30 12.41 38.11 20.54
C ASP B 30 13.73 37.31 20.58
N ASN B 31 14.24 36.95 19.39
CA ASN B 31 15.47 36.22 19.18
C ASN B 31 15.47 34.82 19.81
N GLY B 32 14.25 34.29 20.05
CA GLY B 32 14.02 32.88 20.30
C GLY B 32 13.24 32.25 19.13
N ILE B 33 13.01 30.93 19.23
CA ILE B 33 12.17 30.19 18.29
C ILE B 33 11.05 29.48 19.04
N PHE B 34 9.82 29.63 18.53
CA PHE B 34 8.63 29.07 19.16
C PHE B 34 7.79 28.29 18.14
N VAL B 35 6.92 27.43 18.68
CA VAL B 35 6.04 26.57 17.93
C VAL B 35 4.77 27.36 17.66
N GLN B 36 4.50 27.57 16.37
CA GLN B 36 3.38 28.35 15.86
C GLN B 36 2.25 27.41 15.45
N LEU B 37 2.60 26.20 15.02
CA LEU B 37 1.62 25.17 14.68
C LEU B 37 2.18 23.78 14.99
N VAL B 38 1.33 22.95 15.61
CA VAL B 38 1.51 21.49 15.67
C VAL B 38 0.38 20.85 14.86
N GLN B 39 0.72 19.93 13.96
CA GLN B 39 -0.26 19.22 13.13
C GLN B 39 -0.85 18.02 13.88
N ALA B 40 -2.14 17.81 13.57
CA ALA B 40 -3.08 16.93 14.26
C ALA B 40 -2.58 15.50 14.44
N ASN B 41 -1.83 14.93 13.47
CA ASN B 41 -1.55 13.50 13.45
C ASN B 41 -0.10 13.23 13.06
N SER B 42 0.82 13.73 13.88
CA SER B 42 2.16 14.00 13.40
C SER B 42 3.16 13.54 14.44
N PRO B 43 4.42 13.26 14.06
CA PRO B 43 5.45 12.95 15.05
C PRO B 43 5.45 13.98 16.17
N ALA B 44 5.32 15.27 15.81
CA ALA B 44 5.40 16.36 16.77
C ALA B 44 4.28 16.27 17.82
N SER B 45 3.02 16.05 17.39
CA SER B 45 1.91 15.90 18.32
C SER B 45 2.10 14.66 19.17
N LEU B 46 2.48 13.54 18.52
CA LEU B 46 2.67 12.27 19.19
C LEU B 46 3.64 12.42 20.37
N VAL B 47 4.68 13.24 20.24
CA VAL B 47 5.70 13.32 21.30
C VAL B 47 5.40 14.49 22.25
N GLY B 48 4.27 15.19 22.05
CA GLY B 48 3.77 16.08 23.09
C GLY B 48 4.21 17.54 22.92
N LEU B 49 4.69 17.91 21.72
CA LEU B 49 4.99 19.29 21.40
C LEU B 49 3.68 20.06 21.31
N ARG B 50 3.74 21.33 21.76
CA ARG B 50 2.58 22.17 21.93
C ARG B 50 2.83 23.57 21.37
N PHE B 51 1.77 24.14 20.79
CA PHE B 51 1.73 25.57 20.49
C PHE B 51 2.31 26.37 21.66
N GLY B 52 3.24 27.28 21.35
CA GLY B 52 3.77 28.20 22.33
C GLY B 52 5.08 27.73 22.98
N ASP B 53 5.43 26.43 22.79
CA ASP B 53 6.69 25.88 23.26
C ASP B 53 7.85 26.62 22.59
N GLN B 54 8.95 26.80 23.34
CA GLN B 54 10.19 27.35 22.83
C GLN B 54 11.17 26.21 22.56
N VAL B 55 11.82 26.27 21.39
CA VAL B 55 12.87 25.34 21.00
C VAL B 55 14.20 26.03 21.21
N LEU B 56 14.97 25.54 22.21
CA LEU B 56 16.26 26.11 22.57
C LEU B 56 17.34 25.55 21.65
N GLN B 57 17.23 24.24 21.35
CA GLN B 57 18.16 23.57 20.45
C GLN B 57 17.46 22.53 19.58
N ILE B 58 18.04 22.33 18.39
CA ILE B 58 17.71 21.26 17.49
C ILE B 58 19.01 20.54 17.15
N ASN B 59 19.07 19.24 17.48
CA ASN B 59 20.28 18.44 17.30
C ASN B 59 21.47 19.14 17.94
N GLY B 60 21.25 19.74 19.11
CA GLY B 60 22.31 20.32 19.93
C GLY B 60 22.77 21.70 19.44
N GLU B 61 22.18 22.25 18.37
CA GLU B 61 22.54 23.59 17.91
C GLU B 61 21.57 24.60 18.51
N ASN B 62 22.10 25.69 19.08
CA ASN B 62 21.27 26.71 19.70
C ASN B 62 20.45 27.39 18.62
N CYS B 63 19.17 27.65 18.91
CA CYS B 63 18.28 28.30 17.96
C CYS B 63 18.28 29.83 18.11
N ALA B 64 18.95 30.33 19.16
CA ALA B 64 19.00 31.75 19.44
C ALA B 64 19.32 32.56 18.19
N GLY B 65 18.44 33.51 17.85
CA GLY B 65 18.70 34.45 16.77
C GLY B 65 18.33 33.90 15.38
N TRP B 66 17.91 32.64 15.29
CA TRP B 66 17.51 32.08 14.02
C TRP B 66 16.24 32.74 13.52
N SER B 67 16.19 32.97 12.19
CA SER B 67 14.95 33.29 11.51
C SER B 67 14.08 32.04 11.46
N SER B 68 12.77 32.24 11.30
CA SER B 68 11.83 31.17 10.99
C SER B 68 12.36 30.33 9.83
N ASP B 69 12.73 30.99 8.72
CA ASP B 69 13.20 30.34 7.51
C ASP B 69 14.37 29.40 7.83
N LYS B 70 15.30 29.85 8.67
CA LYS B 70 16.44 29.01 9.03
C LYS B 70 16.00 27.80 9.86
N ALA B 71 15.12 28.00 10.83
CA ALA B 71 14.65 26.90 11.66
C ALA B 71 14.04 25.80 10.79
N HIS B 72 13.18 26.21 9.84
CA HIS B 72 12.52 25.31 8.90
C HIS B 72 13.52 24.63 7.98
N LYS B 73 14.51 25.39 7.52
CA LYS B 73 15.53 24.84 6.65
C LYS B 73 16.30 23.76 7.41
N VAL B 74 16.60 24.01 8.69
CA VAL B 74 17.38 23.06 9.48
C VAL B 74 16.58 21.76 9.65
N LEU B 75 15.27 21.90 9.88
CA LEU B 75 14.42 20.74 10.07
C LEU B 75 14.29 19.96 8.76
N LYS B 76 14.09 20.67 7.65
CA LYS B 76 14.02 20.02 6.34
C LYS B 76 15.30 19.23 6.07
N GLN B 77 16.47 19.71 6.49
CA GLN B 77 17.75 19.11 6.14
C GLN B 77 18.22 18.04 7.15
N ALA B 78 17.47 17.84 8.24
CA ALA B 78 17.89 16.89 9.28
C ALA B 78 17.60 15.45 8.87
N PHE B 79 18.55 14.54 9.08
CA PHE B 79 18.29 13.10 9.03
C PHE B 79 17.10 12.75 9.94
N GLY B 80 16.15 11.98 9.39
CA GLY B 80 14.86 11.83 10.02
C GLY B 80 14.82 10.79 11.14
N GLU B 81 15.87 9.98 11.31
CA GLU B 81 15.82 8.89 12.26
C GLU B 81 15.63 9.41 13.69
N LYS B 82 16.52 10.32 14.09
CA LYS B 82 16.41 10.94 15.41
C LYS B 82 16.71 12.43 15.26
N ILE B 83 15.76 13.24 15.73
CA ILE B 83 15.93 14.67 15.86
C ILE B 83 15.71 14.96 17.34
N THR B 84 16.71 15.54 18.01
CA THR B 84 16.53 15.91 19.40
C THR B 84 16.22 17.41 19.44
N MET B 85 15.22 17.75 20.26
CA MET B 85 14.89 19.12 20.51
C MET B 85 14.90 19.35 22.01
N THR B 86 15.45 20.50 22.40
CA THR B 86 15.45 20.90 23.79
C THR B 86 14.40 22.00 23.91
N ILE B 87 13.46 21.81 24.84
CA ILE B 87 12.19 22.52 24.85
C ILE B 87 12.04 23.22 26.19
N ARG B 88 11.60 24.49 26.16
CA ARG B 88 11.06 25.13 27.35
C ARG B 88 9.55 25.22 27.18
N ASP B 89 8.82 24.77 28.20
CA ASP B 89 7.38 24.57 28.10
C ASP B 89 6.64 25.90 28.11
N ARG B 90 5.87 26.12 27.01
CA ARG B 90 4.94 27.24 26.83
C ARG B 90 5.26 28.45 27.70
N PRO B 91 6.42 29.10 27.49
CA PRO B 91 6.92 30.12 28.40
C PRO B 91 6.08 31.40 28.46
N PHE B 92 5.34 31.68 27.37
CA PHE B 92 4.50 32.89 27.29
C PHE B 92 3.12 32.64 27.89
N GLU B 93 2.85 31.42 28.39
CA GLU B 93 1.51 31.03 28.80
C GLU B 93 1.45 30.77 30.29
N ARG B 94 0.25 30.86 30.85
CA ARG B 94 -0.05 30.43 32.23
C ARG B 94 -1.35 29.66 32.25
N THR B 95 -1.57 28.82 33.27
CA THR B 95 -2.87 28.16 33.45
C THR B 95 -3.59 28.64 34.71
N ILE B 96 -4.90 28.84 34.57
CA ILE B 96 -5.79 29.23 35.65
C ILE B 96 -6.79 28.09 35.87
N THR B 97 -7.10 27.77 37.14
CA THR B 97 -8.08 26.74 37.44
C THR B 97 -9.32 27.37 38.07
N MET B 98 -10.48 27.02 37.52
CA MET B 98 -11.76 27.58 37.91
C MET B 98 -12.76 26.46 38.17
N HIS B 99 -13.78 26.78 38.98
CA HIS B 99 -14.88 25.86 39.27
C HIS B 99 -16.17 26.49 38.77
N LYS B 100 -16.93 25.74 37.95
CA LYS B 100 -18.22 26.16 37.47
C LYS B 100 -19.18 26.40 38.65
N ASP B 101 -20.02 27.43 38.53
CA ASP B 101 -21.02 27.72 39.53
C ASP B 101 -22.21 26.80 39.28
N SER B 102 -23.35 27.09 39.94
CA SER B 102 -24.56 26.28 39.88
C SER B 102 -25.16 26.32 38.48
N THR B 103 -24.91 27.40 37.72
CA THR B 103 -25.44 27.58 36.37
C THR B 103 -24.49 27.02 35.31
N GLY B 104 -23.32 26.50 35.71
CA GLY B 104 -22.37 25.89 34.79
C GLY B 104 -21.40 26.89 34.15
N HIS B 105 -21.23 28.06 34.80
CA HIS B 105 -20.39 29.16 34.32
C HIS B 105 -19.17 29.35 35.22
N VAL B 106 -18.06 29.76 34.58
CA VAL B 106 -16.82 30.08 35.29
C VAL B 106 -16.69 31.60 35.47
N GLY B 107 -17.16 32.39 34.49
CA GLY B 107 -17.40 33.80 34.72
C GLY B 107 -16.54 34.73 33.86
N PHE B 108 -16.61 34.56 32.54
CA PHE B 108 -15.97 35.49 31.63
C PHE B 108 -16.67 35.53 30.27
N ILE B 109 -16.33 36.54 29.47
CA ILE B 109 -16.84 36.76 28.13
C ILE B 109 -15.64 36.78 27.18
N PHE B 110 -15.79 36.18 25.99
CA PHE B 110 -14.70 36.21 25.03
C PHE B 110 -15.24 36.45 23.63
N LYS B 111 -14.32 36.70 22.68
CA LYS B 111 -14.65 37.01 21.32
C LYS B 111 -13.39 36.82 20.48
N ASN B 112 -13.47 35.96 19.47
CA ASN B 112 -12.33 35.52 18.70
C ASN B 112 -11.28 34.84 19.61
N GLY B 113 -11.78 34.11 20.60
CA GLY B 113 -10.92 33.37 21.52
C GLY B 113 -10.12 34.29 22.45
N LYS B 114 -10.51 35.57 22.53
CA LYS B 114 -9.84 36.50 23.41
C LYS B 114 -10.78 36.95 24.51
N ILE B 115 -10.29 36.91 25.74
CA ILE B 115 -11.11 37.22 26.91
C ILE B 115 -11.31 38.73 26.95
N THR B 116 -12.56 39.18 27.14
CA THR B 116 -12.90 40.59 27.02
C THR B 116 -13.52 41.15 28.32
N SER B 117 -14.10 40.29 29.15
CA SER B 117 -14.66 40.77 30.40
C SER B 117 -14.64 39.64 31.43
N ILE B 118 -14.53 40.02 32.70
CA ILE B 118 -14.59 39.08 33.82
C ILE B 118 -15.86 39.36 34.59
N VAL B 119 -16.58 38.31 34.96
CA VAL B 119 -17.86 38.46 35.63
C VAL B 119 -17.60 38.65 37.12
N LYS B 120 -18.27 39.66 37.67
CA LYS B 120 -18.26 39.99 39.09
C LYS B 120 -18.59 38.76 39.93
N ASP B 121 -17.80 38.54 41.01
CA ASP B 121 -18.02 37.50 42.01
C ASP B 121 -18.01 36.09 41.41
N SER B 122 -17.32 35.90 40.27
CA SER B 122 -17.22 34.59 39.65
C SER B 122 -15.93 33.88 40.08
N SER B 123 -15.86 32.57 39.74
CA SER B 123 -14.63 31.80 39.89
C SER B 123 -13.47 32.44 39.11
N ALA B 124 -13.74 32.98 37.93
CA ALA B 124 -12.73 33.64 37.12
C ALA B 124 -12.23 34.91 37.81
N ALA B 125 -13.13 35.62 38.51
CA ALA B 125 -12.76 36.77 39.32
C ALA B 125 -11.87 36.33 40.50
N ARG B 126 -12.31 35.31 41.27
CA ARG B 126 -11.58 34.85 42.44
C ARG B 126 -10.18 34.37 42.09
N ASN B 127 -10.02 33.82 40.87
CA ASN B 127 -8.77 33.20 40.42
C ASN B 127 -7.94 34.16 39.58
N GLY B 128 -8.43 35.39 39.38
CA GLY B 128 -7.67 36.48 38.81
C GLY B 128 -7.37 36.29 37.33
N LEU B 129 -8.39 35.83 36.58
CA LEU B 129 -8.29 35.71 35.14
C LEU B 129 -8.27 37.13 34.57
N LEU B 130 -7.56 37.29 33.45
CA LEU B 130 -7.26 38.59 32.88
C LEU B 130 -7.91 38.72 31.51
N THR B 131 -8.26 39.97 31.15
CA THR B 131 -8.74 40.27 29.82
C THR B 131 -7.53 40.46 28.90
N GLU B 132 -7.81 40.71 27.63
CA GLU B 132 -6.76 40.92 26.63
C GLU B 132 -5.78 39.74 26.64
N HIS B 133 -6.33 38.54 26.88
CA HIS B 133 -5.59 37.30 26.79
C HIS B 133 -6.33 36.33 25.88
N ASN B 134 -5.57 35.65 25.03
CA ASN B 134 -6.08 34.63 24.13
C ASN B 134 -6.13 33.29 24.85
N ILE B 135 -7.23 32.55 24.62
CA ILE B 135 -7.38 31.20 25.11
C ILE B 135 -6.64 30.26 24.15
N CYS B 136 -5.70 29.51 24.72
CA CYS B 136 -4.81 28.65 23.97
C CYS B 136 -5.20 27.18 24.16
N GLU B 137 -5.49 26.82 25.42
CA GLU B 137 -5.90 25.48 25.73
C GLU B 137 -7.03 25.51 26.75
N ILE B 138 -7.82 24.42 26.76
CA ILE B 138 -8.76 24.15 27.82
C ILE B 138 -8.57 22.71 28.28
N ASN B 139 -8.26 22.56 29.57
CA ASN B 139 -7.96 21.27 30.17
C ASN B 139 -6.92 20.55 29.31
N GLY B 140 -5.90 21.31 28.85
CA GLY B 140 -4.80 20.72 28.11
C GLY B 140 -5.05 20.60 26.60
N GLN B 141 -6.29 20.85 26.16
CA GLN B 141 -6.66 20.72 24.76
C GLN B 141 -6.49 22.06 24.02
N ASN B 142 -5.64 22.05 22.98
CA ASN B 142 -5.44 23.19 22.11
C ASN B 142 -6.78 23.53 21.46
N VAL B 143 -7.16 24.81 21.51
CA VAL B 143 -8.41 25.28 20.94
C VAL B 143 -8.15 26.47 20.00
N ILE B 144 -6.93 26.54 19.46
CA ILE B 144 -6.53 27.65 18.63
C ILE B 144 -7.01 27.44 17.20
N GLY B 145 -7.86 28.37 16.73
CA GLY B 145 -8.41 28.34 15.37
C GLY B 145 -9.86 27.85 15.32
N LEU B 146 -10.39 27.41 16.48
CA LEU B 146 -11.77 26.99 16.61
C LEU B 146 -12.67 28.23 16.68
N LYS B 147 -13.91 28.09 16.22
CA LYS B 147 -14.92 29.13 16.37
C LYS B 147 -15.27 29.25 17.84
N ASP B 148 -15.76 30.44 18.24
CA ASP B 148 -16.14 30.71 19.61
C ASP B 148 -17.19 29.70 20.07
N SER B 149 -18.03 29.25 19.14
CA SER B 149 -19.07 28.27 19.47
C SER B 149 -18.45 26.93 19.87
N GLN B 150 -17.36 26.53 19.18
CA GLN B 150 -16.69 25.26 19.47
C GLN B 150 -15.98 25.35 20.83
N ILE B 151 -15.44 26.53 21.14
CA ILE B 151 -14.78 26.79 22.41
C ILE B 151 -15.81 26.74 23.54
N ALA B 152 -16.95 27.39 23.34
CA ALA B 152 -18.02 27.36 24.34
C ALA B 152 -18.52 25.94 24.60
N ASP B 153 -18.59 25.13 23.55
CA ASP B 153 -19.07 23.75 23.62
C ASP B 153 -18.14 22.93 24.48
N ILE B 154 -16.83 23.13 24.29
CA ILE B 154 -15.79 22.42 25.04
C ILE B 154 -15.86 22.82 26.51
N LEU B 155 -16.12 24.09 26.80
CA LEU B 155 -16.31 24.54 28.18
C LEU B 155 -17.48 23.80 28.82
N SER B 156 -18.62 23.66 28.12
CA SER B 156 -19.77 22.98 28.69
C SER B 156 -19.49 21.50 28.94
N THR B 157 -18.78 20.84 28.03
CA THR B 157 -18.55 19.40 28.16
C THR B 157 -17.38 19.09 29.09
N SER B 158 -16.84 20.11 29.75
CA SER B 158 -15.83 19.89 30.77
C SER B 158 -16.51 19.62 32.10
N GLY B 159 -15.75 19.02 33.03
CA GLY B 159 -16.20 18.82 34.40
C GLY B 159 -16.45 20.16 35.07
N THR B 160 -16.61 20.13 36.39
CA THR B 160 -16.81 21.31 37.20
C THR B 160 -15.51 22.12 37.22
N VAL B 161 -14.38 21.38 37.27
CA VAL B 161 -13.05 21.95 37.31
C VAL B 161 -12.58 22.18 35.87
N VAL B 162 -12.33 23.47 35.56
CA VAL B 162 -11.89 23.89 34.23
C VAL B 162 -10.53 24.59 34.37
N THR B 163 -9.48 24.06 33.72
CA THR B 163 -8.23 24.80 33.62
C THR B 163 -8.14 25.44 32.24
N ILE B 164 -7.78 26.74 32.21
CA ILE B 164 -7.57 27.46 30.96
C ILE B 164 -6.12 27.89 30.88
N THR B 165 -5.50 27.63 29.73
CA THR B 165 -4.17 28.13 29.44
C THR B 165 -4.31 29.37 28.56
N ILE B 166 -3.76 30.49 29.04
CA ILE B 166 -3.91 31.78 28.39
C ILE B 166 -2.55 32.36 28.00
N MET B 167 -2.57 33.33 27.09
CA MET B 167 -1.38 34.00 26.59
C MET B 167 -1.76 35.47 26.32
N PRO B 168 -0.94 36.48 26.70
CA PRO B 168 -1.24 37.86 26.35
C PRO B 168 -1.43 38.05 24.85
N ALA B 169 -2.52 38.78 24.52
CA ALA B 169 -3.00 38.94 23.17
C ALA B 169 -1.89 39.38 22.22
N PHE B 170 -1.11 40.38 22.64
N PHE B 170 -1.11 40.38 22.62
CA PHE B 170 -0.09 41.00 21.80
CA PHE B 170 -0.11 40.99 21.74
C PHE B 170 0.94 39.96 21.38
C PHE B 170 0.94 39.95 21.36
N ILE B 171 1.23 39.02 22.27
CA ILE B 171 2.21 37.97 22.01
C ILE B 171 1.60 36.94 21.07
N PHE B 172 0.34 36.56 21.36
CA PHE B 172 -0.39 35.61 20.53
C PHE B 172 -0.41 36.11 19.08
N GLU B 173 -0.84 37.36 18.92
CA GLU B 173 -0.94 37.97 17.60
C GLU B 173 0.42 37.92 16.89
N HIS B 174 1.51 38.03 17.65
CA HIS B 174 2.84 37.98 17.08
C HIS B 174 3.20 36.53 16.68
N ILE B 175 2.77 35.53 17.46
CA ILE B 175 3.15 34.14 17.19
C ILE B 175 2.49 33.64 15.91
N ILE B 176 1.24 34.05 15.65
CA ILE B 176 0.47 33.46 14.56
C ILE B 176 0.73 34.17 13.23
N LYS B 177 1.48 35.28 13.24
CA LYS B 177 1.90 35.96 12.02
C LYS B 177 2.78 35.05 11.17
N ARG B 178 2.73 35.23 9.84
CA ARG B 178 3.47 34.45 8.84
C ARG B 178 2.89 33.03 8.77
N MET B 179 1.56 32.96 8.89
CA MET B 179 0.82 31.71 8.83
C MET B 179 -0.62 32.08 8.47
N ALA B 180 -1.11 31.53 7.34
CA ALA B 180 -2.43 31.80 6.82
C ALA B 180 -3.50 31.25 7.77
N PRO B 181 -4.52 32.04 8.18
CA PRO B 181 -5.57 31.51 9.08
C PRO B 181 -6.27 30.21 8.64
N SER B 182 -6.23 29.88 7.35
CA SER B 182 -6.85 28.66 6.85
C SER B 182 -5.98 27.44 7.17
N ILE B 183 -4.66 27.64 7.30
CA ILE B 183 -3.75 26.59 7.72
C ILE B 183 -3.91 26.32 9.22
N MET B 184 -4.04 27.41 9.98
CA MET B 184 -4.19 27.36 11.43
C MET B 184 -5.50 26.65 11.78
N LYS B 185 -6.58 27.01 11.09
CA LYS B 185 -7.88 26.41 11.37
C LYS B 185 -7.92 24.94 10.94
N SER B 186 -7.26 24.60 9.84
CA SER B 186 -7.44 23.28 9.25
C SER B 186 -6.42 22.26 9.76
N LEU B 187 -5.22 22.70 10.19
CA LEU B 187 -4.15 21.77 10.49
C LEU B 187 -3.87 21.67 11.99
N MET B 188 -4.32 22.65 12.80
CA MET B 188 -3.90 22.73 14.19
C MET B 188 -4.38 21.51 14.99
N ASP B 189 -3.45 20.92 15.74
CA ASP B 189 -3.73 19.81 16.63
C ASP B 189 -4.73 20.22 17.69
N HIS B 190 -5.81 19.47 17.86
CA HIS B 190 -6.77 19.69 18.92
C HIS B 190 -7.03 18.41 19.70
N THR B 191 -6.08 17.46 19.63
CA THR B 191 -6.17 16.19 20.34
C THR B 191 -6.35 16.40 21.83
N ILE B 192 -7.12 15.51 22.48
CA ILE B 192 -7.31 15.56 23.91
C ILE B 192 -6.09 14.88 24.53
N PRO B 193 -5.47 15.45 25.60
CA PRO B 193 -4.30 14.85 26.21
C PRO B 193 -4.56 13.45 26.77
N GLU B 194 -3.49 12.64 26.71
CA GLU B 194 -3.52 11.22 27.02
C GLU B 194 -2.68 10.93 28.27
N VAL B 195 -2.87 9.73 28.84
CA VAL B 195 -1.89 9.21 29.79
C VAL B 195 -1.29 7.91 29.22
N ALA C 3 17.16 -22.13 -14.09
CA ALA C 3 16.33 -21.28 -13.18
C ALA C 3 17.12 -20.04 -12.76
N GLU C 4 18.24 -20.24 -12.05
CA GLU C 4 18.88 -19.20 -11.27
C GLU C 4 19.80 -18.35 -12.16
N ILE C 5 19.66 -17.00 -12.06
CA ILE C 5 20.16 -16.05 -13.04
C ILE C 5 21.70 -16.04 -12.98
N LYS C 6 22.34 -16.33 -14.13
CA LYS C 6 23.80 -16.28 -14.28
C LYS C 6 24.27 -14.84 -14.46
N GLN C 7 25.33 -14.44 -13.76
CA GLN C 7 25.86 -13.09 -13.89
C GLN C 7 27.06 -13.10 -14.84
N GLY C 8 27.00 -12.23 -15.84
CA GLY C 8 27.90 -12.28 -16.97
C GLY C 8 27.19 -12.75 -18.25
N ILE C 9 28.04 -12.88 -19.26
CA ILE C 9 27.71 -12.87 -20.67
C ILE C 9 28.09 -14.23 -21.26
N ARG C 10 27.33 -14.73 -22.22
CA ARG C 10 27.70 -15.95 -22.93
C ARG C 10 27.41 -15.77 -24.42
N GLU C 11 28.13 -16.52 -25.24
CA GLU C 11 27.95 -16.51 -26.68
C GLU C 11 27.09 -17.72 -27.06
N VAL C 12 26.08 -17.52 -27.91
CA VAL C 12 25.32 -18.64 -28.46
C VAL C 12 25.43 -18.62 -29.99
N ILE C 13 25.35 -19.80 -30.59
CA ILE C 13 25.54 -19.99 -32.02
C ILE C 13 24.31 -20.73 -32.54
N LEU C 14 23.76 -20.22 -33.65
CA LEU C 14 22.42 -20.56 -34.10
C LEU C 14 22.43 -20.89 -35.59
N CYS C 15 21.53 -21.80 -35.97
CA CYS C 15 21.27 -22.13 -37.37
C CYS C 15 19.78 -21.95 -37.64
N LYS C 16 19.45 -21.25 -38.74
CA LYS C 16 18.05 -21.12 -39.15
C LYS C 16 17.51 -22.49 -39.57
N ASP C 17 16.23 -22.74 -39.29
CA ASP C 17 15.59 -24.01 -39.63
C ASP C 17 15.27 -24.05 -41.12
N GLN C 18 14.59 -25.10 -41.58
CA GLN C 18 14.33 -25.30 -43.00
C GLN C 18 13.54 -24.12 -43.56
N ASP C 19 12.78 -23.43 -42.69
CA ASP C 19 11.95 -22.30 -43.07
C ASP C 19 12.70 -20.96 -43.02
N GLY C 20 13.98 -20.95 -42.61
CA GLY C 20 14.75 -19.72 -42.46
C GLY C 20 14.38 -18.93 -41.21
N LYS C 21 13.87 -19.62 -40.18
CA LYS C 21 13.47 -19.01 -38.92
C LYS C 21 14.43 -19.40 -37.80
N ILE C 22 14.58 -18.55 -36.78
CA ILE C 22 15.29 -18.93 -35.57
C ILE C 22 14.31 -19.05 -34.40
N GLY C 23 13.15 -18.40 -34.47
CA GLY C 23 12.12 -18.62 -33.45
C GLY C 23 12.15 -17.59 -32.33
N LEU C 24 12.31 -16.30 -32.68
CA LEU C 24 12.51 -15.19 -31.75
C LEU C 24 11.64 -13.99 -32.11
N ARG C 25 11.22 -13.26 -31.07
CA ARG C 25 10.84 -11.86 -31.20
C ARG C 25 11.65 -11.05 -30.19
N LEU C 26 12.12 -9.89 -30.66
CA LEU C 26 13.00 -9.01 -29.92
C LEU C 26 12.33 -7.65 -29.74
N LYS C 27 12.69 -6.96 -28.64
CA LYS C 27 12.08 -5.69 -28.27
C LYS C 27 13.16 -4.74 -27.75
N SER C 28 13.14 -3.49 -28.25
CA SER C 28 13.94 -2.41 -27.72
C SER C 28 13.43 -2.01 -26.34
N ILE C 29 14.34 -2.00 -25.34
CA ILE C 29 14.05 -1.54 -24.00
C ILE C 29 15.26 -0.76 -23.49
N ASP C 30 15.06 0.52 -23.12
CA ASP C 30 16.09 1.32 -22.47
C ASP C 30 17.39 1.28 -23.29
N ASN C 31 17.25 1.38 -24.62
CA ASN C 31 18.34 1.39 -25.59
C ASN C 31 19.15 0.09 -25.58
N GLY C 32 18.53 -0.98 -25.07
CA GLY C 32 18.98 -2.35 -25.24
C GLY C 32 18.00 -3.14 -26.09
N ILE C 33 18.32 -4.39 -26.36
CA ILE C 33 17.46 -5.32 -27.08
C ILE C 33 17.26 -6.58 -26.22
N PHE C 34 16.00 -6.99 -26.07
CA PHE C 34 15.63 -8.14 -25.24
C PHE C 34 14.71 -9.11 -25.99
N VAL C 35 14.65 -10.35 -25.50
CA VAL C 35 13.83 -11.43 -26.03
C VAL C 35 12.44 -11.29 -25.43
N GLN C 36 11.46 -11.07 -26.33
CA GLN C 36 10.05 -10.87 -26.01
C GLN C 36 9.30 -12.19 -26.16
N LEU C 37 9.79 -13.07 -27.07
CA LEU C 37 9.22 -14.37 -27.28
C LEU C 37 10.26 -15.34 -27.82
N VAL C 38 10.25 -16.55 -27.24
CA VAL C 38 10.96 -17.71 -27.77
C VAL C 38 9.89 -18.73 -28.17
N GLN C 39 10.00 -19.25 -29.39
CA GLN C 39 9.09 -20.32 -29.82
C GLN C 39 9.55 -21.70 -29.36
N ALA C 40 8.60 -22.59 -29.08
CA ALA C 40 8.95 -23.96 -28.72
C ALA C 40 9.53 -24.68 -29.94
N ASN C 41 10.47 -25.60 -29.72
N ASN C 41 10.44 -25.65 -29.69
CA ASN C 41 10.99 -26.48 -30.77
CA ASN C 41 11.12 -26.48 -30.70
C ASN C 41 11.57 -25.62 -31.89
C ASN C 41 11.60 -25.63 -31.87
N SER C 42 12.36 -24.60 -31.51
CA SER C 42 12.94 -23.66 -32.46
C SER C 42 14.44 -23.63 -32.21
N PRO C 43 15.28 -23.26 -33.20
CA PRO C 43 16.71 -23.11 -32.94
C PRO C 43 16.99 -22.30 -31.66
N ALA C 44 16.21 -21.23 -31.46
CA ALA C 44 16.40 -20.33 -30.33
C ALA C 44 16.19 -21.04 -28.99
N SER C 45 15.08 -21.78 -28.86
CA SER C 45 14.81 -22.51 -27.63
C SER C 45 15.85 -23.62 -27.44
N LEU C 46 16.16 -24.34 -28.54
CA LEU C 46 17.06 -25.46 -28.50
C LEU C 46 18.40 -25.05 -27.91
N VAL C 47 18.86 -23.83 -28.19
CA VAL C 47 20.18 -23.42 -27.74
C VAL C 47 20.09 -22.70 -26.39
N GLY C 48 18.89 -22.57 -25.82
CA GLY C 48 18.73 -22.15 -24.44
C GLY C 48 18.44 -20.67 -24.28
N LEU C 49 18.08 -19.96 -25.36
CA LEU C 49 17.58 -18.59 -25.25
C LEU C 49 16.23 -18.57 -24.53
N ARG C 50 16.03 -17.52 -23.72
CA ARG C 50 14.90 -17.41 -22.79
C ARG C 50 14.31 -16.01 -22.84
N PHE C 51 12.99 -15.95 -22.66
CA PHE C 51 12.28 -14.70 -22.41
C PHE C 51 13.07 -13.85 -21.40
N GLY C 52 13.28 -12.58 -21.74
CA GLY C 52 13.92 -11.64 -20.82
C GLY C 52 15.44 -11.49 -21.02
N ASP C 53 16.06 -12.42 -21.77
CA ASP C 53 17.47 -12.34 -22.12
C ASP C 53 17.75 -11.06 -22.93
N GLN C 54 18.92 -10.46 -22.71
CA GLN C 54 19.40 -9.30 -23.44
C GLN C 54 20.40 -9.75 -24.49
N VAL C 55 20.27 -9.25 -25.72
CA VAL C 55 21.20 -9.47 -26.82
C VAL C 55 22.11 -8.24 -26.94
N LEU C 56 23.39 -8.43 -26.61
CA LEU C 56 24.40 -7.39 -26.63
C LEU C 56 24.94 -7.23 -28.07
N GLN C 57 25.14 -8.36 -28.76
CA GLN C 57 25.66 -8.35 -30.12
C GLN C 57 25.01 -9.47 -30.95
N ILE C 58 24.88 -9.16 -32.25
CA ILE C 58 24.49 -10.11 -33.28
C ILE C 58 25.55 -10.07 -34.36
N ASN C 59 26.21 -11.21 -34.60
CA ASN C 59 27.30 -11.31 -35.56
C ASN C 59 28.34 -10.23 -35.28
N GLY C 60 28.61 -10.01 -33.97
CA GLY C 60 29.68 -9.12 -33.53
C GLY C 60 29.32 -7.65 -33.55
N GLU C 61 28.11 -7.26 -33.99
CA GLU C 61 27.71 -5.86 -34.01
C GLU C 61 26.93 -5.54 -32.74
N ASN C 62 27.26 -4.43 -32.10
CA ASN C 62 26.56 -4.03 -30.87
C ASN C 62 25.10 -3.71 -31.21
N CYS C 63 24.17 -4.16 -30.34
CA CYS C 63 22.75 -3.91 -30.54
C CYS C 63 22.29 -2.62 -29.87
N ALA C 64 23.18 -1.99 -29.09
CA ALA C 64 22.82 -0.80 -28.34
C ALA C 64 22.15 0.23 -29.25
N GLY C 65 20.95 0.67 -28.84
CA GLY C 65 20.26 1.73 -29.53
C GLY C 65 19.37 1.24 -30.66
N TRP C 66 19.45 -0.05 -31.03
CA TRP C 66 18.66 -0.57 -32.15
C TRP C 66 17.17 -0.54 -31.81
N SER C 67 16.36 -0.19 -32.82
CA SER C 67 14.93 -0.46 -32.77
C SER C 67 14.68 -1.96 -32.89
N SER C 68 13.52 -2.40 -32.40
CA SER C 68 13.02 -3.74 -32.64
C SER C 68 13.11 -4.06 -34.14
N ASP C 69 12.55 -3.18 -34.98
CA ASP C 69 12.47 -3.36 -36.41
C ASP C 69 13.86 -3.62 -36.99
N LYS C 70 14.88 -2.89 -36.52
CA LYS C 70 16.24 -3.08 -36.99
C LYS C 70 16.79 -4.45 -36.58
N ALA C 71 16.55 -4.84 -35.32
CA ALA C 71 17.07 -6.11 -34.83
C ALA C 71 16.53 -7.24 -35.71
N HIS C 72 15.21 -7.20 -35.98
CA HIS C 72 14.52 -8.18 -36.82
C HIS C 72 15.04 -8.17 -38.23
N LYS C 73 15.27 -6.97 -38.76
CA LYS C 73 15.75 -6.85 -40.13
C LYS C 73 17.13 -7.46 -40.24
N VAL C 74 17.98 -7.23 -39.22
CA VAL C 74 19.36 -7.75 -39.24
C VAL C 74 19.30 -9.29 -39.24
N LEU C 75 18.42 -9.84 -38.40
CA LEU C 75 18.31 -11.28 -38.29
C LEU C 75 17.74 -11.87 -39.58
N LYS C 76 16.70 -11.25 -40.15
CA LYS C 76 16.14 -11.72 -41.42
C LYS C 76 17.22 -11.77 -42.49
N GLN C 77 18.16 -10.81 -42.50
CA GLN C 77 19.12 -10.69 -43.60
C GLN C 77 20.40 -11.50 -43.37
N ALA C 78 20.56 -12.11 -42.18
CA ALA C 78 21.76 -12.86 -41.87
C ALA C 78 21.70 -14.26 -42.50
N PHE C 79 22.78 -14.68 -43.18
CA PHE C 79 22.84 -16.02 -43.73
C PHE C 79 24.20 -16.57 -43.37
N GLY C 80 25.11 -16.64 -44.36
CA GLY C 80 26.31 -17.44 -44.19
C GLY C 80 25.98 -18.75 -43.47
N GLU C 81 26.88 -19.16 -42.56
CA GLU C 81 26.82 -20.47 -41.93
C GLU C 81 25.93 -20.40 -40.68
N LYS C 82 26.31 -19.50 -39.77
CA LYS C 82 25.72 -19.45 -38.45
C LYS C 82 25.41 -17.98 -38.07
N ILE C 83 24.72 -17.86 -36.94
CA ILE C 83 24.42 -16.58 -36.33
C ILE C 83 25.02 -16.64 -34.93
N THR C 84 25.92 -15.70 -34.61
CA THR C 84 26.42 -15.61 -33.25
C THR C 84 25.67 -14.51 -32.54
N MET C 85 25.24 -14.79 -31.30
CA MET C 85 24.67 -13.78 -30.43
C MET C 85 25.43 -13.78 -29.11
N THR C 86 25.66 -12.59 -28.56
CA THR C 86 26.21 -12.45 -27.24
C THR C 86 25.07 -12.03 -26.31
N ILE C 87 24.88 -12.78 -25.23
CA ILE C 87 23.67 -12.75 -24.41
C ILE C 87 24.04 -12.42 -22.97
N ARG C 88 23.25 -11.54 -22.32
CA ARG C 88 23.27 -11.41 -20.87
C ARG C 88 21.99 -12.04 -20.33
N ASP C 89 22.16 -12.90 -19.33
CA ASP C 89 21.08 -13.74 -18.81
C ASP C 89 20.04 -12.93 -18.05
N ARG C 90 18.79 -12.98 -18.54
CA ARG C 90 17.58 -12.44 -17.92
C ARG C 90 17.87 -11.35 -16.88
N PRO C 91 18.40 -10.18 -17.34
CA PRO C 91 18.92 -9.16 -16.45
C PRO C 91 17.88 -8.48 -15.57
N PHE C 92 16.62 -8.49 -16.03
CA PHE C 92 15.53 -7.82 -15.31
C PHE C 92 14.91 -8.76 -14.28
N GLU C 93 15.38 -10.02 -14.20
CA GLU C 93 14.69 -11.04 -13.44
C GLU C 93 15.54 -11.50 -12.26
N ARG C 94 14.85 -11.98 -11.23
N ARG C 94 14.87 -11.96 -11.20
CA ARG C 94 15.46 -12.65 -10.09
CA ARG C 94 15.53 -12.66 -10.10
C ARG C 94 14.71 -13.92 -9.74
C ARG C 94 14.71 -13.90 -9.72
N THR C 95 15.36 -14.87 -9.05
CA THR C 95 14.67 -16.06 -8.58
C THR C 95 14.61 -16.09 -7.06
N ILE C 96 13.44 -16.48 -6.55
CA ILE C 96 13.20 -16.69 -5.12
C ILE C 96 12.92 -18.17 -4.90
N THR C 97 13.50 -18.74 -3.84
CA THR C 97 13.30 -20.14 -3.51
C THR C 97 12.51 -20.26 -2.20
N MET C 98 11.45 -21.06 -2.26
CA MET C 98 10.49 -21.20 -1.18
C MET C 98 10.24 -22.68 -0.91
N HIS C 99 9.80 -22.97 0.32
CA HIS C 99 9.46 -24.32 0.78
C HIS C 99 7.99 -24.33 1.17
N LYS C 100 7.24 -25.29 0.62
CA LYS C 100 5.82 -25.44 0.92
C LYS C 100 5.68 -25.82 2.41
N ASP C 101 4.61 -25.32 3.04
CA ASP C 101 4.28 -25.69 4.41
C ASP C 101 3.62 -27.08 4.42
N SER C 102 3.05 -27.45 5.58
CA SER C 102 2.43 -28.74 5.81
C SER C 102 1.21 -28.95 4.90
N THR C 103 0.54 -27.84 4.53
CA THR C 103 -0.67 -27.89 3.72
C THR C 103 -0.34 -27.79 2.22
N GLY C 104 0.94 -27.64 1.86
CA GLY C 104 1.37 -27.59 0.47
C GLY C 104 1.29 -26.19 -0.13
N HIS C 105 1.35 -25.16 0.73
CA HIS C 105 1.25 -23.74 0.33
C HIS C 105 2.58 -23.04 0.57
N VAL C 106 2.93 -22.10 -0.34
CA VAL C 106 4.19 -21.36 -0.32
C VAL C 106 3.99 -19.94 0.25
N GLY C 107 2.81 -19.35 -0.06
CA GLY C 107 2.28 -18.22 0.67
C GLY C 107 2.14 -16.94 -0.16
N PHE C 108 1.46 -17.04 -1.31
CA PHE C 108 1.15 -15.86 -2.09
C PHE C 108 -0.09 -16.07 -2.98
N ILE C 109 -0.62 -14.94 -3.46
CA ILE C 109 -1.78 -14.87 -4.33
C ILE C 109 -1.36 -14.17 -5.62
N PHE C 110 -1.88 -14.61 -6.76
CA PHE C 110 -1.58 -13.94 -8.01
C PHE C 110 -2.82 -13.80 -8.87
N LYS C 111 -2.73 -12.99 -9.93
CA LYS C 111 -3.84 -12.66 -10.81
C LYS C 111 -3.24 -12.16 -12.11
N ASN C 112 -3.53 -12.85 -13.19
CA ASN C 112 -2.90 -12.61 -14.50
C ASN C 112 -1.39 -12.81 -14.40
N GLY C 113 -0.98 -13.81 -13.61
CA GLY C 113 0.42 -14.15 -13.43
C GLY C 113 1.21 -13.08 -12.68
N LYS C 114 0.51 -12.14 -12.03
CA LYS C 114 1.15 -11.09 -11.27
C LYS C 114 0.84 -11.26 -9.80
N ILE C 115 1.89 -11.19 -8.97
CA ILE C 115 1.75 -11.47 -7.55
C ILE C 115 1.08 -10.26 -6.90
N THR C 116 0.04 -10.53 -6.09
CA THR C 116 -0.82 -9.48 -5.58
C THR C 116 -0.83 -9.45 -4.05
N SER C 117 -0.52 -10.56 -3.40
CA SER C 117 -0.44 -10.50 -1.95
C SER C 117 0.50 -11.59 -1.43
N ILE C 118 1.17 -11.29 -0.31
CA ILE C 118 2.07 -12.20 0.35
C ILE C 118 1.43 -12.59 1.68
N VAL C 119 1.46 -13.89 1.96
CA VAL C 119 0.80 -14.42 3.14
C VAL C 119 1.76 -14.25 4.32
N LYS C 120 1.21 -13.71 5.41
CA LYS C 120 1.93 -13.52 6.66
C LYS C 120 2.54 -14.85 7.11
N ASP C 121 3.81 -14.78 7.57
CA ASP C 121 4.52 -15.89 8.20
C ASP C 121 4.67 -17.07 7.23
N SER C 122 4.65 -16.81 5.91
CA SER C 122 4.86 -17.86 4.92
C SER C 122 6.31 -17.89 4.47
N SER C 123 6.66 -18.95 3.74
CA SER C 123 7.97 -19.05 3.10
C SER C 123 8.19 -17.89 2.13
N ALA C 124 7.15 -17.48 1.42
CA ALA C 124 7.25 -16.35 0.51
C ALA C 124 7.56 -15.06 1.26
N ALA C 125 7.00 -14.92 2.48
CA ALA C 125 7.30 -13.80 3.36
C ALA C 125 8.76 -13.85 3.82
N ARG C 126 9.19 -15.00 4.35
CA ARG C 126 10.54 -15.15 4.89
C ARG C 126 11.59 -14.87 3.82
N ASN C 127 11.27 -15.19 2.55
CA ASN C 127 12.23 -15.11 1.45
C ASN C 127 12.08 -13.80 0.68
N GLY C 128 11.11 -12.96 1.10
CA GLY C 128 11.01 -11.58 0.63
C GLY C 128 10.52 -11.50 -0.80
N LEU C 129 9.53 -12.34 -1.13
CA LEU C 129 8.85 -12.26 -2.41
C LEU C 129 8.03 -10.97 -2.40
N LEU C 130 7.92 -10.35 -3.58
CA LEU C 130 7.35 -9.01 -3.71
C LEU C 130 6.05 -9.05 -4.50
N THR C 131 5.14 -8.12 -4.22
CA THR C 131 3.95 -7.94 -5.03
C THR C 131 4.33 -7.09 -6.23
N GLU C 132 3.35 -6.88 -7.11
CA GLU C 132 3.55 -6.10 -8.31
C GLU C 132 4.73 -6.65 -9.13
N HIS C 133 4.88 -7.98 -9.10
CA HIS C 133 5.86 -8.69 -9.90
C HIS C 133 5.18 -9.80 -10.70
N ASN C 134 5.56 -9.93 -11.97
CA ASN C 134 5.04 -10.97 -12.84
C ASN C 134 5.88 -12.23 -12.71
N ILE C 135 5.19 -13.38 -12.66
CA ILE C 135 5.84 -14.68 -12.69
C ILE C 135 6.20 -15.00 -14.14
N CYS C 136 7.50 -15.26 -14.35
CA CYS C 136 8.08 -15.55 -15.64
C CYS C 136 8.37 -17.04 -15.78
N GLU C 137 8.90 -17.64 -14.70
CA GLU C 137 9.24 -19.06 -14.73
C GLU C 137 8.90 -19.66 -13.37
N ILE C 138 8.63 -20.98 -13.39
CA ILE C 138 8.52 -21.77 -12.18
C ILE C 138 9.41 -22.99 -12.31
N ASN C 139 10.37 -23.11 -11.39
CA ASN C 139 11.39 -24.14 -11.41
C ASN C 139 11.99 -24.22 -12.81
N GLY C 140 12.26 -23.05 -13.41
CA GLY C 140 12.96 -22.98 -14.69
C GLY C 140 12.04 -23.11 -15.90
N GLN C 141 10.74 -23.35 -15.68
CA GLN C 141 9.80 -23.48 -16.78
C GLN C 141 9.10 -22.14 -17.04
N ASN C 142 9.23 -21.63 -18.27
CA ASN C 142 8.51 -20.45 -18.73
C ASN C 142 7.01 -20.71 -18.57
N VAL C 143 6.30 -19.78 -17.94
CA VAL C 143 4.86 -19.93 -17.74
C VAL C 143 4.11 -18.69 -18.26
N ILE C 144 4.73 -17.96 -19.19
CA ILE C 144 4.18 -16.71 -19.66
C ILE C 144 3.15 -16.99 -20.75
N GLY C 145 1.90 -16.58 -20.49
CA GLY C 145 0.80 -16.75 -21.43
C GLY C 145 -0.18 -17.86 -21.01
N LEU C 146 0.21 -18.66 -20.01
CA LEU C 146 -0.65 -19.68 -19.42
C LEU C 146 -1.71 -19.02 -18.56
N LYS C 147 -2.87 -19.68 -18.44
CA LYS C 147 -3.91 -19.19 -17.55
C LYS C 147 -3.45 -19.40 -16.12
N ASP C 148 -4.04 -18.61 -15.22
CA ASP C 148 -3.75 -18.72 -13.80
C ASP C 148 -3.98 -20.14 -13.31
N SER C 149 -4.97 -20.84 -13.89
CA SER C 149 -5.27 -22.20 -13.49
C SER C 149 -4.11 -23.13 -13.83
N GLN C 150 -3.46 -22.93 -14.99
CA GLN C 150 -2.34 -23.78 -15.40
C GLN C 150 -1.12 -23.52 -14.53
N ILE C 151 -0.95 -22.25 -14.12
CA ILE C 151 0.13 -21.83 -13.25
C ILE C 151 -0.09 -22.46 -11.87
N ALA C 152 -1.32 -22.42 -11.35
CA ALA C 152 -1.62 -23.00 -10.05
C ALA C 152 -1.36 -24.51 -10.06
N ASP C 153 -1.67 -25.17 -11.19
CA ASP C 153 -1.51 -26.60 -11.36
C ASP C 153 -0.04 -26.97 -11.28
N ILE C 154 0.82 -26.15 -11.93
CA ILE C 154 2.27 -26.34 -11.94
C ILE C 154 2.85 -26.16 -10.54
N LEU C 155 2.32 -25.18 -9.80
CA LEU C 155 2.71 -25.00 -8.41
C LEU C 155 2.42 -26.26 -7.59
N SER C 156 1.23 -26.87 -7.75
CA SER C 156 0.89 -28.08 -6.99
C SER C 156 1.78 -29.24 -7.35
N THR C 157 2.09 -29.42 -8.64
CA THR C 157 2.85 -30.59 -9.10
C THR C 157 4.37 -30.38 -8.89
N SER C 158 4.75 -29.29 -8.24
CA SER C 158 6.14 -29.10 -7.85
C SER C 158 6.38 -29.79 -6.52
N GLY C 159 7.65 -30.10 -6.23
CA GLY C 159 7.99 -30.67 -4.94
C GLY C 159 7.78 -29.64 -3.84
N THR C 160 8.44 -29.85 -2.69
CA THR C 160 8.29 -28.93 -1.57
C THR C 160 9.07 -27.65 -1.90
N VAL C 161 10.19 -27.80 -2.62
CA VAL C 161 11.05 -26.67 -2.96
C VAL C 161 10.59 -26.09 -4.30
N VAL C 162 10.14 -24.83 -4.29
CA VAL C 162 9.61 -24.10 -5.43
C VAL C 162 10.47 -22.85 -5.68
N THR C 163 11.11 -22.75 -6.85
CA THR C 163 11.76 -21.51 -7.24
C THR C 163 10.87 -20.78 -8.24
N ILE C 164 10.69 -19.48 -8.00
CA ILE C 164 9.96 -18.60 -8.93
C ILE C 164 10.92 -17.56 -9.48
N THR C 165 10.91 -17.39 -10.80
CA THR C 165 11.61 -16.29 -11.44
C THR C 165 10.61 -15.19 -11.71
N ILE C 166 10.88 -14.01 -11.16
CA ILE C 166 9.98 -12.86 -11.22
C ILE C 166 10.65 -11.69 -11.91
N MET C 167 9.81 -10.74 -12.32
CA MET C 167 10.19 -9.52 -13.01
C MET C 167 9.24 -8.42 -12.53
N PRO C 168 9.71 -7.18 -12.22
CA PRO C 168 8.78 -6.08 -11.91
C PRO C 168 7.77 -5.86 -13.03
N ALA C 169 6.51 -5.70 -12.60
CA ALA C 169 5.35 -5.63 -13.47
C ALA C 169 5.56 -4.62 -14.59
N PHE C 170 6.04 -3.41 -14.25
N PHE C 170 6.03 -3.40 -14.24
CA PHE C 170 6.11 -2.32 -15.20
CA PHE C 170 6.12 -2.31 -15.21
C PHE C 170 7.08 -2.68 -16.33
C PHE C 170 7.08 -2.68 -16.33
N ILE C 171 8.10 -3.47 -16.02
CA ILE C 171 9.08 -3.89 -17.02
C ILE C 171 8.46 -4.98 -17.88
N PHE C 172 7.77 -5.92 -17.23
CA PHE C 172 7.09 -7.00 -17.92
C PHE C 172 6.12 -6.41 -18.96
N GLU C 173 5.27 -5.52 -18.48
CA GLU C 173 4.28 -4.86 -19.31
C GLU C 173 4.95 -4.19 -20.50
N HIS C 174 6.16 -3.66 -20.31
CA HIS C 174 6.88 -3.01 -21.38
C HIS C 174 7.44 -4.05 -22.37
N ILE C 175 7.87 -5.23 -21.88
CA ILE C 175 8.51 -6.20 -22.75
C ILE C 175 7.47 -6.79 -23.72
N ILE C 176 6.24 -7.01 -23.25
CA ILE C 176 5.27 -7.77 -24.02
C ILE C 176 4.47 -6.86 -24.95
N LYS C 177 4.67 -5.54 -24.89
CA LYS C 177 4.07 -4.60 -25.82
C LYS C 177 4.57 -4.86 -27.24
N ARG C 178 3.71 -4.57 -28.24
CA ARG C 178 3.98 -4.83 -29.66
C ARG C 178 3.97 -6.33 -29.94
N MET C 179 3.07 -7.03 -29.24
CA MET C 179 2.86 -8.45 -29.39
C MET C 179 1.44 -8.75 -28.88
N ALA C 180 0.60 -9.31 -29.76
CA ALA C 180 -0.79 -9.62 -29.46
C ALA C 180 -0.85 -10.75 -28.43
N PRO C 181 -1.63 -10.63 -27.33
CA PRO C 181 -1.73 -11.71 -26.32
C PRO C 181 -2.00 -13.13 -26.82
N SER C 182 -2.67 -13.25 -27.97
CA SER C 182 -3.00 -14.55 -28.55
C SER C 182 -1.78 -15.21 -29.18
N ILE C 183 -0.82 -14.39 -29.63
CA ILE C 183 0.43 -14.90 -30.18
C ILE C 183 1.33 -15.38 -29.05
N MET C 184 1.35 -14.60 -27.97
CA MET C 184 2.17 -14.88 -26.80
C MET C 184 1.67 -16.18 -26.16
N LYS C 185 0.34 -16.33 -26.02
CA LYS C 185 -0.22 -17.52 -25.40
C LYS C 185 0.02 -18.76 -26.28
N SER C 186 -0.04 -18.60 -27.61
CA SER C 186 -0.02 -19.74 -28.51
C SER C 186 1.40 -20.15 -28.92
N LEU C 187 2.36 -19.21 -28.95
CA LEU C 187 3.68 -19.52 -29.50
C LEU C 187 4.78 -19.64 -28.43
N MET C 188 4.57 -19.09 -27.23
CA MET C 188 5.63 -19.01 -26.23
C MET C 188 6.05 -20.40 -25.76
N ASP C 189 7.37 -20.62 -25.79
CA ASP C 189 8.01 -21.84 -25.32
C ASP C 189 7.65 -22.08 -23.85
N HIS C 190 7.11 -23.27 -23.56
CA HIS C 190 6.86 -23.69 -22.19
C HIS C 190 7.45 -25.10 -21.96
N THR C 191 8.40 -25.48 -22.84
CA THR C 191 9.23 -26.66 -22.77
C THR C 191 9.83 -26.81 -21.38
N ILE C 192 9.98 -28.10 -20.99
CA ILE C 192 10.89 -28.52 -19.94
C ILE C 192 12.03 -29.18 -20.70
N PRO C 193 13.24 -28.58 -20.75
CA PRO C 193 14.27 -29.08 -21.68
C PRO C 193 14.91 -30.39 -21.18
N GLU C 194 15.17 -30.43 -19.88
CA GLU C 194 16.02 -31.37 -19.17
C GLU C 194 15.26 -31.75 -17.91
N VAL C 195 15.41 -33.00 -17.47
CA VAL C 195 14.78 -33.45 -16.24
C VAL C 195 15.84 -33.99 -15.28
N ILE D 5 -33.47 -24.16 0.03
CA ILE D 5 -34.91 -23.76 0.03
C ILE D 5 -35.73 -24.92 0.57
N LYS D 6 -36.49 -24.71 1.66
CA LYS D 6 -37.42 -25.70 2.21
C LYS D 6 -38.71 -25.70 1.40
N GLN D 7 -39.22 -26.89 1.04
CA GLN D 7 -40.50 -26.99 0.35
C GLN D 7 -41.60 -27.32 1.37
N GLY D 8 -42.64 -26.50 1.36
CA GLY D 8 -43.60 -26.47 2.43
C GLY D 8 -43.49 -25.20 3.29
N ILE D 9 -44.39 -25.22 4.27
CA ILE D 9 -44.91 -24.07 4.97
C ILE D 9 -44.52 -24.19 6.44
N ARG D 10 -44.21 -23.08 7.10
CA ARG D 10 -43.92 -23.10 8.52
C ARG D 10 -44.63 -21.91 9.19
N GLU D 11 -44.89 -22.07 10.49
CA GLU D 11 -45.47 -21.03 11.31
C GLU D 11 -44.33 -20.33 12.05
N VAL D 12 -44.32 -18.98 12.06
CA VAL D 12 -43.41 -18.24 12.92
C VAL D 12 -44.23 -17.34 13.86
N ILE D 13 -43.68 -17.09 15.05
CA ILE D 13 -44.38 -16.38 16.11
C ILE D 13 -43.48 -15.23 16.55
N LEU D 14 -44.08 -14.03 16.66
CA LEU D 14 -43.34 -12.77 16.72
C LEU D 14 -43.87 -11.92 17.88
N CYS D 15 -42.94 -11.13 18.43
CA CYS D 15 -43.28 -10.06 19.35
C CYS D 15 -42.70 -8.75 18.82
N LYS D 16 -43.51 -7.70 18.86
CA LYS D 16 -43.04 -6.37 18.50
C LYS D 16 -42.01 -5.88 19.51
N ASP D 17 -41.03 -5.09 19.06
CA ASP D 17 -40.02 -4.51 19.93
C ASP D 17 -40.62 -3.31 20.68
N GLN D 18 -39.81 -2.62 21.48
CA GLN D 18 -40.30 -1.56 22.35
C GLN D 18 -40.97 -0.46 21.52
N ASP D 19 -40.55 -0.33 20.24
CA ASP D 19 -41.07 0.67 19.33
C ASP D 19 -42.35 0.22 18.59
N GLY D 20 -42.80 -1.02 18.82
CA GLY D 20 -43.95 -1.57 18.14
C GLY D 20 -43.66 -1.99 16.70
N LYS D 21 -42.40 -2.34 16.43
CA LYS D 21 -41.96 -2.77 15.11
C LYS D 21 -41.63 -4.26 15.12
N ILE D 22 -41.78 -4.91 13.97
CA ILE D 22 -41.30 -6.28 13.83
C ILE D 22 -40.09 -6.32 12.89
N GLY D 23 -39.89 -5.29 12.07
CA GLY D 23 -38.69 -5.17 11.25
C GLY D 23 -38.86 -5.78 9.85
N LEU D 24 -40.01 -5.49 9.21
CA LEU D 24 -40.36 -6.01 7.89
C LEU D 24 -40.83 -4.89 6.94
N ARG D 25 -40.57 -5.12 5.64
CA ARG D 25 -41.34 -4.50 4.57
C ARG D 25 -41.85 -5.59 3.64
N LEU D 26 -43.10 -5.41 3.18
CA LEU D 26 -43.84 -6.39 2.41
C LEU D 26 -44.21 -5.78 1.06
N LYS D 27 -44.38 -6.66 0.06
CA LYS D 27 -44.69 -6.26 -1.30
C LYS D 27 -45.70 -7.24 -1.90
N SER D 28 -46.76 -6.71 -2.51
CA SER D 28 -47.71 -7.48 -3.30
C SER D 28 -47.04 -7.93 -4.60
N ILE D 29 -47.08 -9.25 -4.87
CA ILE D 29 -46.63 -9.81 -6.14
C ILE D 29 -47.57 -10.92 -6.57
N ASP D 30 -48.20 -10.76 -7.76
CA ASP D 30 -49.01 -11.81 -8.36
C ASP D 30 -50.06 -12.30 -7.36
N ASN D 31 -50.68 -11.33 -6.65
CA ASN D 31 -51.77 -11.55 -5.70
C ASN D 31 -51.31 -12.39 -4.50
N GLY D 32 -49.98 -12.42 -4.28
CA GLY D 32 -49.38 -12.87 -3.04
C GLY D 32 -48.73 -11.70 -2.32
N ILE D 33 -48.21 -11.98 -1.12
CA ILE D 33 -47.44 -11.03 -0.34
C ILE D 33 -46.07 -11.61 -0.01
N PHE D 34 -45.03 -10.81 -0.24
CA PHE D 34 -43.65 -11.26 -0.03
C PHE D 34 -42.87 -10.24 0.78
N VAL D 35 -41.76 -10.71 1.36
CA VAL D 35 -40.84 -9.95 2.20
C VAL D 35 -39.85 -9.28 1.26
N GLN D 36 -39.85 -7.94 1.31
CA GLN D 36 -39.01 -7.07 0.49
C GLN D 36 -37.78 -6.67 1.32
N LEU D 37 -37.96 -6.58 2.65
CA LEU D 37 -36.86 -6.26 3.55
C LEU D 37 -37.09 -6.89 4.92
N VAL D 38 -36.00 -7.51 5.43
CA VAL D 38 -35.88 -7.87 6.84
C VAL D 38 -34.79 -7.00 7.44
N GLN D 39 -35.12 -6.32 8.55
CA GLN D 39 -34.17 -5.46 9.24
C GLN D 39 -33.25 -6.29 10.15
N ALA D 40 -31.98 -5.87 10.27
CA ALA D 40 -31.05 -6.52 11.17
C ALA D 40 -31.51 -6.24 12.60
N ASN D 41 -31.26 -7.19 13.51
CA ASN D 41 -31.49 -7.01 14.94
C ASN D 41 -32.94 -6.66 15.18
N SER D 42 -33.84 -7.41 14.55
CA SER D 42 -35.27 -7.15 14.62
C SER D 42 -35.97 -8.45 15.01
N PRO D 43 -37.19 -8.38 15.58
CA PRO D 43 -37.93 -9.63 15.85
C PRO D 43 -37.98 -10.54 14.61
N ALA D 44 -38.19 -9.94 13.45
CA ALA D 44 -38.34 -10.67 12.20
C ALA D 44 -37.06 -11.45 11.86
N SER D 45 -35.90 -10.80 11.94
CA SER D 45 -34.63 -11.47 11.67
C SER D 45 -34.38 -12.56 12.71
N LEU D 46 -34.62 -12.22 13.99
CA LEU D 46 -34.38 -13.13 15.10
C LEU D 46 -35.12 -14.44 14.87
N VAL D 47 -36.34 -14.40 14.31
CA VAL D 47 -37.13 -15.63 14.16
C VAL D 47 -36.92 -16.25 12.79
N GLY D 48 -36.04 -15.68 11.97
CA GLY D 48 -35.54 -16.38 10.78
C GLY D 48 -36.33 -16.10 9.50
N LEU D 49 -37.08 -14.99 9.49
CA LEU D 49 -37.69 -14.48 8.27
C LEU D 49 -36.61 -13.97 7.33
N ARG D 50 -36.84 -14.16 6.03
CA ARG D 50 -35.87 -13.84 5.00
C ARG D 50 -36.49 -13.10 3.81
N PHE D 51 -35.71 -12.20 3.21
CA PHE D 51 -36.03 -11.63 1.89
C PHE D 51 -36.52 -12.73 0.96
N GLY D 52 -37.66 -12.48 0.30
CA GLY D 52 -38.18 -13.40 -0.72
C GLY D 52 -39.24 -14.36 -0.18
N ASP D 53 -39.34 -14.49 1.14
CA ASP D 53 -40.34 -15.34 1.78
C ASP D 53 -41.73 -14.82 1.43
N GLN D 54 -42.70 -15.74 1.29
CA GLN D 54 -44.10 -15.42 1.08
C GLN D 54 -44.86 -15.58 2.40
N VAL D 55 -45.72 -14.61 2.71
CA VAL D 55 -46.59 -14.63 3.87
C VAL D 55 -47.99 -15.05 3.41
N LEU D 56 -48.40 -16.26 3.83
CA LEU D 56 -49.67 -16.85 3.43
C LEU D 56 -50.78 -16.30 4.34
N GLN D 57 -50.47 -16.20 5.64
CA GLN D 57 -51.40 -15.70 6.63
C GLN D 57 -50.67 -14.89 7.69
N ILE D 58 -51.43 -13.96 8.24
CA ILE D 58 -51.09 -13.19 9.43
C ILE D 58 -52.25 -13.35 10.41
N ASN D 59 -51.95 -13.91 11.59
CA ASN D 59 -52.95 -14.19 12.60
C ASN D 59 -54.12 -14.97 11.98
N GLY D 60 -53.79 -15.92 11.09
CA GLY D 60 -54.77 -16.83 10.52
C GLY D 60 -55.60 -16.23 9.38
N GLU D 61 -55.39 -14.97 9.00
CA GLU D 61 -56.11 -14.39 7.88
C GLU D 61 -55.26 -14.52 6.61
N ASN D 62 -55.87 -15.02 5.52
CA ASN D 62 -55.16 -15.20 4.26
C ASN D 62 -54.76 -13.83 3.73
N CYS D 63 -53.53 -13.75 3.21
CA CYS D 63 -53.00 -12.52 2.64
C CYS D 63 -53.30 -12.42 1.13
N ALA D 64 -53.84 -13.48 0.54
CA ALA D 64 -54.14 -13.52 -0.88
C ALA D 64 -54.88 -12.27 -1.32
N GLY D 65 -54.31 -11.58 -2.33
CA GLY D 65 -54.96 -10.44 -2.93
C GLY D 65 -54.66 -9.12 -2.21
N TRP D 66 -54.01 -9.16 -1.04
CA TRP D 66 -53.76 -7.93 -0.29
C TRP D 66 -52.76 -7.05 -1.03
N SER D 67 -53.02 -5.74 -0.97
CA SER D 67 -52.03 -4.73 -1.33
C SER D 67 -50.95 -4.72 -0.26
N SER D 68 -49.75 -4.21 -0.63
CA SER D 68 -48.71 -3.90 0.32
C SER D 68 -49.30 -3.09 1.48
N ASP D 69 -49.99 -1.97 1.15
CA ASP D 69 -50.55 -1.05 2.14
C ASP D 69 -51.40 -1.80 3.16
N LYS D 70 -52.25 -2.73 2.69
CA LYS D 70 -53.10 -3.49 3.59
C LYS D 70 -52.29 -4.42 4.51
N ALA D 71 -51.29 -5.10 3.94
CA ALA D 71 -50.48 -6.03 4.72
C ALA D 71 -49.83 -5.29 5.87
N HIS D 72 -49.24 -4.11 5.56
CA HIS D 72 -48.58 -3.24 6.52
C HIS D 72 -49.56 -2.74 7.56
N LYS D 73 -50.75 -2.35 7.10
CA LYS D 73 -51.76 -1.80 7.99
C LYS D 73 -52.17 -2.89 8.99
N VAL D 74 -52.32 -4.14 8.51
CA VAL D 74 -52.75 -5.23 9.37
C VAL D 74 -51.69 -5.48 10.43
N LEU D 75 -50.42 -5.45 10.02
CA LEU D 75 -49.32 -5.70 10.96
C LEU D 75 -49.23 -4.56 11.97
N LYS D 76 -49.33 -3.30 11.51
CA LYS D 76 -49.29 -2.16 12.41
C LYS D 76 -50.39 -2.29 13.48
N GLN D 77 -51.57 -2.79 13.11
CA GLN D 77 -52.72 -2.77 14.00
C GLN D 77 -52.85 -4.04 14.86
N ALA D 78 -51.96 -5.02 14.67
CA ALA D 78 -52.01 -6.27 15.42
C ALA D 78 -51.47 -6.07 16.84
N PHE D 79 -52.20 -6.58 17.85
CA PHE D 79 -51.68 -6.61 19.21
C PHE D 79 -50.35 -7.36 19.26
N GLY D 80 -49.38 -6.74 19.94
CA GLY D 80 -47.97 -7.02 19.73
C GLY D 80 -47.47 -8.26 20.45
N GLU D 81 -48.25 -8.79 21.41
CA GLU D 81 -47.81 -9.88 22.27
C GLU D 81 -47.43 -11.09 21.44
N LYS D 82 -48.38 -11.58 20.62
CA LYS D 82 -48.08 -12.68 19.72
C LYS D 82 -48.69 -12.38 18.36
N ILE D 83 -47.85 -12.46 17.34
CA ILE D 83 -48.26 -12.39 15.94
C ILE D 83 -47.83 -13.70 15.31
N THR D 84 -48.78 -14.44 14.75
CA THR D 84 -48.46 -15.64 14.00
C THR D 84 -48.42 -15.28 12.52
N MET D 85 -47.40 -15.78 11.84
CA MET D 85 -47.33 -15.71 10.38
C MET D 85 -47.09 -17.12 9.86
N THR D 86 -47.78 -17.44 8.76
CA THR D 86 -47.57 -18.68 8.06
C THR D 86 -46.78 -18.36 6.80
N ILE D 87 -45.64 -19.02 6.62
CA ILE D 87 -44.59 -18.61 5.70
C ILE D 87 -44.30 -19.74 4.71
N ARG D 88 -44.18 -19.40 3.42
CA ARG D 88 -43.60 -20.33 2.46
C ARG D 88 -42.19 -19.80 2.13
N ASP D 89 -41.22 -20.71 2.17
CA ASP D 89 -39.81 -20.35 2.08
C ASP D 89 -39.41 -19.93 0.65
N ARG D 90 -38.92 -18.68 0.54
CA ARG D 90 -38.28 -18.10 -0.64
C ARG D 90 -38.69 -18.78 -1.94
N PRO D 91 -39.98 -18.69 -2.31
CA PRO D 91 -40.54 -19.49 -3.41
C PRO D 91 -40.01 -19.11 -4.78
N PHE D 92 -39.54 -17.87 -4.94
CA PHE D 92 -39.05 -17.38 -6.22
C PHE D 92 -37.56 -17.68 -6.39
N GLU D 93 -36.93 -18.30 -5.38
CA GLU D 93 -35.49 -18.48 -5.36
C GLU D 93 -35.12 -19.95 -5.49
N ARG D 94 -33.90 -20.22 -5.97
CA ARG D 94 -33.28 -21.53 -5.87
C ARG D 94 -31.82 -21.37 -5.47
N THR D 95 -31.20 -22.46 -4.98
CA THR D 95 -29.77 -22.45 -4.71
C THR D 95 -29.00 -23.36 -5.66
N ILE D 96 -27.82 -22.88 -6.07
CA ILE D 96 -26.86 -23.63 -6.86
C ILE D 96 -25.61 -23.83 -6.00
N THR D 97 -25.06 -25.04 -6.02
CA THR D 97 -23.87 -25.39 -5.26
C THR D 97 -22.69 -25.63 -6.21
N MET D 98 -21.58 -24.95 -5.93
CA MET D 98 -20.42 -24.93 -6.80
C MET D 98 -19.16 -25.18 -5.97
N HIS D 99 -18.09 -25.64 -6.64
CA HIS D 99 -16.80 -25.89 -6.01
C HIS D 99 -15.77 -24.97 -6.67
N LYS D 100 -15.02 -24.25 -5.84
CA LYS D 100 -13.98 -23.35 -6.35
C LYS D 100 -12.89 -24.16 -7.06
N ASP D 101 -12.34 -23.58 -8.13
CA ASP D 101 -11.21 -24.18 -8.83
C ASP D 101 -9.92 -23.86 -8.06
N SER D 102 -8.77 -24.13 -8.71
CA SER D 102 -7.45 -23.95 -8.14
C SER D 102 -7.16 -22.46 -7.85
N THR D 103 -7.79 -21.56 -8.62
CA THR D 103 -7.61 -20.12 -8.49
C THR D 103 -8.63 -19.50 -7.53
N GLY D 104 -9.55 -20.30 -6.97
CA GLY D 104 -10.53 -19.82 -6.00
C GLY D 104 -11.80 -19.25 -6.64
N HIS D 105 -12.09 -19.64 -7.90
CA HIS D 105 -13.21 -19.14 -8.69
C HIS D 105 -14.21 -20.25 -8.96
N VAL D 106 -15.48 -19.86 -9.17
CA VAL D 106 -16.57 -20.78 -9.48
C VAL D 106 -16.94 -20.67 -10.95
N GLY D 107 -16.78 -19.49 -11.58
CA GLY D 107 -16.87 -19.38 -13.03
C GLY D 107 -18.04 -18.54 -13.56
N PHE D 108 -18.16 -17.31 -13.05
CA PHE D 108 -19.15 -16.40 -13.57
C PHE D 108 -18.76 -14.93 -13.37
N ILE D 109 -19.49 -14.05 -14.09
CA ILE D 109 -19.31 -12.61 -14.04
C ILE D 109 -20.63 -12.00 -13.60
N PHE D 110 -20.57 -10.98 -12.73
CA PHE D 110 -21.80 -10.31 -12.37
C PHE D 110 -21.60 -8.79 -12.35
N LYS D 111 -22.70 -8.06 -12.27
CA LYS D 111 -22.68 -6.61 -12.29
C LYS D 111 -24.01 -6.12 -11.71
N ASN D 112 -23.94 -5.34 -10.65
CA ASN D 112 -25.09 -4.91 -9.86
C ASN D 112 -25.79 -6.13 -9.28
N GLY D 113 -24.97 -7.12 -8.88
CA GLY D 113 -25.48 -8.33 -8.26
C GLY D 113 -26.24 -9.23 -9.23
N LYS D 114 -26.11 -8.98 -10.52
CA LYS D 114 -26.83 -9.75 -11.53
C LYS D 114 -25.83 -10.51 -12.38
N ILE D 115 -26.09 -11.80 -12.57
CA ILE D 115 -25.13 -12.66 -13.25
C ILE D 115 -25.26 -12.38 -14.74
N THR D 116 -24.13 -12.18 -15.42
CA THR D 116 -24.12 -11.73 -16.80
C THR D 116 -23.41 -12.70 -17.73
N SER D 117 -22.49 -13.53 -17.22
CA SER D 117 -21.87 -14.50 -18.12
C SER D 117 -21.35 -15.68 -17.32
N ILE D 118 -21.35 -16.85 -17.96
CA ILE D 118 -20.93 -18.09 -17.34
C ILE D 118 -19.66 -18.53 -18.07
N VAL D 119 -18.67 -18.95 -17.28
CA VAL D 119 -17.38 -19.26 -17.83
C VAL D 119 -17.41 -20.70 -18.31
N LYS D 120 -16.94 -20.91 -19.55
CA LYS D 120 -16.81 -22.22 -20.17
C LYS D 120 -16.05 -23.18 -19.25
N ASP D 121 -16.60 -24.40 -19.11
CA ASP D 121 -15.99 -25.52 -18.38
C ASP D 121 -15.70 -25.18 -16.92
N SER D 122 -16.49 -24.28 -16.33
CA SER D 122 -16.40 -23.96 -14.92
C SER D 122 -17.40 -24.78 -14.10
N SER D 123 -17.24 -24.74 -12.78
CA SER D 123 -18.20 -25.31 -11.84
C SER D 123 -19.60 -24.69 -12.05
N ALA D 124 -19.67 -23.39 -12.31
CA ALA D 124 -20.94 -22.72 -12.56
C ALA D 124 -21.58 -23.25 -13.84
N ALA D 125 -20.76 -23.58 -14.85
CA ALA D 125 -21.25 -24.20 -16.07
C ALA D 125 -21.79 -25.60 -15.78
N ARG D 126 -20.99 -26.45 -15.10
CA ARG D 126 -21.38 -27.82 -14.81
C ARG D 126 -22.69 -27.87 -14.01
N ASN D 127 -22.91 -26.87 -13.15
CA ASN D 127 -24.03 -26.85 -12.21
C ASN D 127 -25.21 -26.04 -12.75
N GLY D 128 -25.04 -25.48 -13.95
CA GLY D 128 -26.14 -24.90 -14.70
C GLY D 128 -26.62 -23.59 -14.10
N LEU D 129 -25.67 -22.76 -13.71
CA LEU D 129 -25.97 -21.41 -13.27
C LEU D 129 -26.41 -20.62 -14.48
N LEU D 130 -27.36 -19.69 -14.24
CA LEU D 130 -28.01 -18.96 -15.31
C LEU D 130 -27.66 -17.48 -15.24
N THR D 131 -27.69 -16.82 -16.42
CA THR D 131 -27.53 -15.38 -16.48
C THR D 131 -28.89 -14.74 -16.23
N GLU D 132 -28.91 -13.40 -16.20
CA GLU D 132 -30.13 -12.66 -15.97
C GLU D 132 -30.81 -13.13 -14.66
N HIS D 133 -29.97 -13.47 -13.67
CA HIS D 133 -30.42 -13.82 -12.34
C HIS D 133 -29.67 -13.00 -11.30
N ASN D 134 -30.41 -12.48 -10.32
CA ASN D 134 -29.87 -11.69 -9.24
C ASN D 134 -29.41 -12.59 -8.10
N ILE D 135 -28.23 -12.27 -7.54
CA ILE D 135 -27.72 -12.93 -6.36
C ILE D 135 -28.40 -12.36 -5.13
N CYS D 136 -29.06 -13.24 -4.37
CA CYS D 136 -29.85 -12.87 -3.20
C CYS D 136 -29.10 -13.27 -1.92
N GLU D 137 -28.48 -14.46 -1.93
CA GLU D 137 -27.76 -14.94 -0.77
C GLU D 137 -26.50 -15.66 -1.22
N ILE D 138 -25.50 -15.70 -0.32
CA ILE D 138 -24.34 -16.55 -0.45
C ILE D 138 -24.16 -17.35 0.82
N ASN D 139 -24.18 -18.68 0.66
CA ASN D 139 -24.17 -19.62 1.76
C ASN D 139 -25.16 -19.17 2.83
N GLY D 140 -26.37 -18.78 2.40
CA GLY D 140 -27.42 -18.45 3.36
C GLY D 140 -27.41 -16.99 3.82
N GLN D 141 -26.35 -16.24 3.46
CA GLN D 141 -26.21 -14.86 3.89
C GLN D 141 -26.79 -13.91 2.86
N ASN D 142 -27.77 -13.11 3.30
CA ASN D 142 -28.40 -12.08 2.47
C ASN D 142 -27.31 -11.11 2.03
N VAL D 143 -27.24 -10.83 0.73
CA VAL D 143 -26.26 -9.88 0.20
C VAL D 143 -26.95 -8.81 -0.66
N ILE D 144 -28.22 -8.56 -0.36
CA ILE D 144 -29.02 -7.63 -1.15
C ILE D 144 -28.77 -6.19 -0.69
N GLY D 145 -28.25 -5.39 -1.63
CA GLY D 145 -27.96 -3.98 -1.42
C GLY D 145 -26.47 -3.70 -1.18
N LEU D 146 -25.68 -4.77 -1.12
CA LEU D 146 -24.23 -4.68 -0.98
C LEU D 146 -23.64 -4.33 -2.34
N LYS D 147 -22.48 -3.68 -2.33
CA LYS D 147 -21.75 -3.38 -3.54
C LYS D 147 -21.18 -4.68 -4.09
N ASP D 148 -20.90 -4.70 -5.39
CA ASP D 148 -20.32 -5.86 -6.05
C ASP D 148 -19.02 -6.25 -5.36
N SER D 149 -18.28 -5.25 -4.84
CA SER D 149 -17.01 -5.53 -4.17
C SER D 149 -17.24 -6.34 -2.90
N GLN D 150 -18.33 -6.02 -2.15
CA GLN D 150 -18.64 -6.72 -0.92
C GLN D 150 -19.07 -8.16 -1.22
N ILE D 151 -19.80 -8.33 -2.33
CA ILE D 151 -20.29 -9.62 -2.78
C ILE D 151 -19.09 -10.48 -3.19
N ALA D 152 -18.14 -9.91 -3.95
CA ALA D 152 -16.95 -10.64 -4.35
C ALA D 152 -16.13 -11.10 -3.14
N ASP D 153 -16.06 -10.23 -2.12
N ASP D 153 -16.07 -10.25 -2.11
CA ASP D 153 -15.29 -10.50 -0.90
CA ASP D 153 -15.29 -10.53 -0.91
C ASP D 153 -15.91 -11.70 -0.16
C ASP D 153 -15.91 -11.70 -0.15
N ILE D 154 -17.24 -11.74 -0.11
CA ILE D 154 -17.97 -12.82 0.56
C ILE D 154 -17.78 -14.14 -0.17
N LEU D 155 -17.75 -14.10 -1.50
CA LEU D 155 -17.39 -15.28 -2.29
C LEU D 155 -16.00 -15.81 -1.91
N SER D 156 -14.99 -14.93 -1.80
CA SER D 156 -13.64 -15.37 -1.46
C SER D 156 -13.58 -15.95 -0.04
N THR D 157 -14.31 -15.36 0.92
CA THR D 157 -14.23 -15.79 2.32
C THR D 157 -15.09 -17.03 2.57
N SER D 158 -15.68 -17.60 1.52
CA SER D 158 -16.40 -18.84 1.64
C SER D 158 -15.44 -20.02 1.54
N GLY D 159 -15.89 -21.17 2.06
CA GLY D 159 -15.20 -22.44 1.86
C GLY D 159 -15.08 -22.79 0.38
N THR D 160 -14.68 -24.04 0.11
CA THR D 160 -14.48 -24.48 -1.27
C THR D 160 -15.85 -24.65 -1.95
N VAL D 161 -16.81 -25.09 -1.13
CA VAL D 161 -18.19 -25.27 -1.52
C VAL D 161 -18.92 -23.95 -1.32
N VAL D 162 -19.42 -23.38 -2.42
CA VAL D 162 -20.12 -22.10 -2.45
C VAL D 162 -21.55 -22.34 -2.94
N THR D 163 -22.54 -22.05 -2.08
CA THR D 163 -23.92 -22.09 -2.50
C THR D 163 -24.38 -20.65 -2.74
N ILE D 164 -24.99 -20.41 -3.92
CA ILE D 164 -25.59 -19.10 -4.16
C ILE D 164 -27.08 -19.31 -4.37
N THR D 165 -27.83 -18.44 -3.73
CA THR D 165 -29.26 -18.36 -3.92
C THR D 165 -29.56 -17.25 -4.91
N ILE D 166 -30.24 -17.63 -6.00
CA ILE D 166 -30.54 -16.73 -7.10
C ILE D 166 -32.05 -16.58 -7.27
N MET D 167 -32.42 -15.52 -8.00
CA MET D 167 -33.79 -15.20 -8.36
C MET D 167 -33.75 -14.62 -9.77
N PRO D 168 -34.72 -14.95 -10.68
CA PRO D 168 -34.80 -14.26 -11.97
C PRO D 168 -34.90 -12.74 -11.80
N ALA D 169 -34.10 -12.05 -12.63
CA ALA D 169 -33.95 -10.62 -12.61
C ALA D 169 -35.30 -9.91 -12.56
N PHE D 170 -36.22 -10.30 -13.46
N PHE D 170 -36.24 -10.34 -13.42
CA PHE D 170 -37.47 -9.57 -13.63
CA PHE D 170 -37.46 -9.58 -13.64
C PHE D 170 -38.29 -9.63 -12.34
C PHE D 170 -38.39 -9.70 -12.42
N ILE D 171 -38.17 -10.74 -11.61
CA ILE D 171 -38.91 -10.88 -10.36
C ILE D 171 -38.22 -10.03 -9.29
N PHE D 172 -36.89 -10.08 -9.26
CA PHE D 172 -36.12 -9.32 -8.30
C PHE D 172 -36.47 -7.84 -8.44
N GLU D 173 -36.38 -7.35 -9.67
CA GLU D 173 -36.68 -5.97 -9.99
C GLU D 173 -38.07 -5.60 -9.49
N HIS D 174 -39.01 -6.54 -9.56
CA HIS D 174 -40.36 -6.29 -9.11
C HIS D 174 -40.44 -6.28 -7.58
N ILE D 175 -39.65 -7.10 -6.88
CA ILE D 175 -39.73 -7.19 -5.42
C ILE D 175 -39.21 -5.90 -4.80
N ILE D 176 -38.14 -5.33 -5.36
CA ILE D 176 -37.44 -4.23 -4.71
C ILE D 176 -38.05 -2.88 -5.08
N LYS D 177 -39.04 -2.85 -5.99
CA LYS D 177 -39.76 -1.62 -6.32
C LYS D 177 -40.48 -1.08 -5.09
N ARG D 178 -40.57 0.27 -5.00
CA ARG D 178 -41.24 0.99 -3.91
C ARG D 178 -40.43 0.84 -2.62
N MET D 179 -39.10 0.91 -2.78
CA MET D 179 -38.18 0.82 -1.66
C MET D 179 -36.95 1.63 -2.02
N ALA D 180 -36.69 2.67 -1.22
CA ALA D 180 -35.60 3.60 -1.42
C ALA D 180 -34.27 2.88 -1.25
N PRO D 181 -33.30 2.99 -2.21
CA PRO D 181 -32.02 2.28 -2.06
C PRO D 181 -31.26 2.52 -0.76
N SER D 182 -31.53 3.67 -0.08
CA SER D 182 -30.86 4.01 1.17
C SER D 182 -31.40 3.18 2.32
N ILE D 183 -32.67 2.76 2.22
CA ILE D 183 -33.29 1.90 3.23
C ILE D 183 -32.76 0.47 3.06
N MET D 184 -32.66 0.03 1.80
CA MET D 184 -32.22 -1.31 1.46
C MET D 184 -30.77 -1.48 1.89
N LYS D 185 -29.92 -0.48 1.59
CA LYS D 185 -28.50 -0.58 1.91
C LYS D 185 -28.29 -0.46 3.42
N SER D 186 -29.10 0.34 4.12
CA SER D 186 -28.80 0.63 5.52
C SER D 186 -29.50 -0.33 6.49
N LEU D 187 -30.64 -0.92 6.10
CA LEU D 187 -31.46 -1.66 7.06
C LEU D 187 -31.45 -3.17 6.79
N MET D 188 -31.07 -3.62 5.58
CA MET D 188 -31.24 -5.03 5.23
C MET D 188 -30.33 -5.93 6.11
N ASP D 189 -30.94 -6.97 6.67
CA ASP D 189 -30.26 -7.97 7.46
C ASP D 189 -29.22 -8.71 6.60
N HIS D 190 -27.97 -8.75 7.07
CA HIS D 190 -26.92 -9.52 6.40
C HIS D 190 -26.23 -10.46 7.39
N THR D 191 -26.88 -10.74 8.54
CA THR D 191 -26.21 -11.50 9.59
C THR D 191 -25.98 -12.92 9.11
N ILE D 192 -24.98 -13.56 9.74
CA ILE D 192 -24.75 -15.00 9.68
C ILE D 192 -24.60 -15.55 11.11
N PRO D 193 -24.75 -16.88 11.30
CA PRO D 193 -24.88 -17.42 12.66
C PRO D 193 -23.56 -17.38 13.45
N GLU D 194 -22.45 -17.76 12.82
CA GLU D 194 -21.12 -17.68 13.42
C GLU D 194 -20.12 -17.35 12.32
N VAL D 195 -18.90 -16.93 12.70
CA VAL D 195 -17.77 -16.90 11.79
C VAL D 195 -16.84 -18.10 12.08
C1 EDO E . 6.99 -0.48 -8.64
O1 EDO E . 6.63 -0.54 -7.26
C2 EDO E . 8.21 0.30 -8.93
O2 EDO E . 8.73 1.05 -7.85
S SO4 F . 38.11 11.58 -19.95
O1 SO4 F . 37.12 10.94 -20.79
O2 SO4 F . 39.09 12.24 -20.76
O3 SO4 F . 37.46 12.54 -19.09
O4 SO4 F . 38.75 10.57 -19.14
C1 EDO G . 5.79 40.70 21.37
O1 EDO G . 5.85 39.30 21.31
C2 EDO G . 7.13 41.28 21.69
O2 EDO G . 8.15 40.91 20.76
C1 EDO H . -3.54 19.21 21.77
O1 EDO H . -4.83 19.54 22.24
C2 EDO H . -2.55 19.02 22.90
O2 EDO H . -2.51 20.12 23.84
N DGL I . 12.28 37.65 11.01
CA DGL I . 10.88 37.14 10.97
C DGL I . 10.90 35.63 11.29
O DGL I . 11.90 34.98 10.89
CB DGL I . 10.00 37.98 11.92
CG DGL I . 10.69 38.34 13.24
CD DGL I . 9.79 38.82 14.38
OE1 DGL I . 10.28 38.84 15.53
OE2 DGL I . 8.60 39.15 14.13
OXT DGL I . 9.93 35.15 11.95
C4 RWP J . -1.18 -21.33 -5.31
C5 RWP J . -2.34 -21.67 -6.03
C6 RWP J . -2.68 -23.00 -6.28
C7 RWP J . -1.85 -24.01 -5.82
C8 RWP J . -3.01 -19.25 -6.13
O2 RWP J . 0.61 -25.65 -5.17
C1 RWP J . 0.25 -24.74 -4.54
O RWP J . 0.73 -24.60 -3.24
C RWP J . 1.97 -23.95 -3.21
C2 RWP J . -0.69 -23.67 -5.10
C3 RWP J . -0.37 -22.33 -4.85
N RWP J . -3.22 -20.63 -6.51
O1 RWP J . -2.11 -18.98 -5.39
C9 RWP J . -3.96 -18.13 -6.65
F RWP J . -3.36 -16.91 -6.39
F1 RWP J . -5.13 -18.20 -5.90
F2 RWP J . -4.21 -18.22 -8.02
C1 EDO K . 12.69 -22.85 -20.77
O1 EDO K . 12.68 -22.33 -19.47
C2 EDO K . 11.31 -22.94 -21.35
O2 EDO K . 10.31 -23.10 -20.37
C1 EDO L . 10.52 0.41 -18.36
O1 EDO L . 10.92 -0.92 -18.66
C2 EDO L . 11.62 1.38 -18.63
O2 EDO L . 11.49 2.06 -19.87
C1 EDO M . 15.60 -5.73 -10.83
O1 EDO M . 14.83 -6.92 -10.52
C2 EDO M . 15.92 -5.42 -12.29
O2 EDO M . 17.20 -4.80 -12.56
N GLY N . 9.94 1.66 -29.41
CA GLY N . 10.66 1.53 -30.70
C GLY N . 11.12 0.09 -30.96
O GLY N . 11.92 -0.06 -31.91
OXT GLY N . 10.68 -0.82 -30.22
C1 PGE O . -51.90 2.45 10.37
O1 PGE O . -52.54 2.68 11.59
C2 PGE O . -52.46 3.30 9.25
O2 PGE O . -51.40 3.74 8.40
C3 PGE O . -51.83 4.70 7.42
C4 PGE O . -51.01 4.60 6.16
O4 PGE O . -47.96 3.17 3.37
C6 PGE O . -48.81 3.96 4.18
C5 PGE O . -49.04 3.36 5.54
O3 PGE O . -49.63 4.31 6.43
C1 EDO P . -30.10 -14.11 6.94
O1 EDO P . -29.86 -14.92 5.81
C2 EDO P . -29.53 -12.77 6.75
O2 EDO P . -28.35 -12.75 5.97
C1 EDO Q . -44.29 -10.43 -12.76
O1 EDO Q . -45.28 -10.26 -11.76
C2 EDO Q . -43.04 -11.03 -12.22
O2 EDO Q . -42.62 -10.41 -11.02
S SO4 R . -18.24 -28.89 -9.62
O1 SO4 R . -17.26 -29.76 -9.00
O2 SO4 R . -17.55 -27.87 -10.33
O3 SO4 R . -19.09 -28.32 -8.60
O4 SO4 R . -19.07 -29.65 -10.55
S SO4 S . -22.18 -1.99 -7.48
O1 SO4 S . -21.75 -1.90 -8.86
O2 SO4 S . -21.36 -2.95 -6.77
O3 SO4 S . -23.57 -2.37 -7.44
O4 SO4 S . -22.02 -0.71 -6.82
S SO4 T . -44.30 1.43 4.35
O1 SO4 T . -43.33 1.12 5.37
O2 SO4 T . -43.76 0.99 3.08
O3 SO4 T . -44.56 2.84 4.29
O4 SO4 T . -45.54 0.76 4.71
N ALA U . -15.93 -13.76 -10.88
CA ALA U . -15.68 -14.33 -9.52
C ALA U . -16.02 -15.84 -9.48
O ALA U . -16.00 -16.48 -10.55
CB ALA U . -16.45 -13.53 -8.49
OXT ALA U . -16.21 -16.34 -8.39
N DGL V . -49.61 -1.63 -6.14
CA DGL V . -48.27 -2.04 -5.66
C DGL V . -48.31 -2.73 -4.27
O DGL V . -47.16 -2.92 -3.77
CB DGL V . -47.58 -2.95 -6.68
CG DGL V . -48.25 -4.29 -6.92
CD DGL V . -47.69 -5.08 -8.10
OE1 DGL V . -46.67 -4.63 -8.67
OE2 DGL V . -48.27 -6.15 -8.43
OXT DGL V . -49.45 -3.07 -3.73
N GLY W . -52.89 -7.41 -6.60
CA GLY W . -52.44 -6.07 -6.21
C GLY W . -53.28 -5.47 -5.11
O GLY W . -53.12 -4.26 -4.87
OXT GLY W . -54.08 -6.23 -4.49
#